data_7XRD
#
_entry.id   7XRD
#
loop_
_entity.id
_entity.type
_entity.pdbx_description
1 polymer 'ADP-ribosylation factor 6'
2 non-polymer 'MAGNESIUM ION'
3 non-polymer "GUANOSINE-5'-TRIPHOSPHATE"
#
_entity_poly.entity_id   1
_entity_poly.type   'polypeptide(L)'
_entity_poly.pdbx_seq_one_letter_code
;GKVLSKIFGNKEMRILMLGLDAAGKTTILYKLKLGQSVTTIPTVGFNVETVTYKNVKFNVWDVGGQDKIRPLWRHYYTGT
QGLIFVVDCADRDRIDEARQELHRIINDREMRDAIILIFANKQDLPDAMKPHEIQEKLGLTRIRDRNWYVQPSCATSGDG
LYEGLTWLTSNYKSLEHHHHHH
;
_entity_poly.pdbx_strand_id   A,B,C,D
#
loop_
_chem_comp.id
_chem_comp.type
_chem_comp.name
_chem_comp.formula
GTP non-polymer GUANOSINE-5'-TRIPHOSPHATE 'C10 H16 N5 O14 P3'
MG non-polymer 'MAGNESIUM ION' 'Mg 2'
#
# COMPACT_ATOMS: atom_id res chain seq x y z
N ASN A 10 1.59 -32.26 -18.18
CA ASN A 10 1.59 -30.93 -18.77
C ASN A 10 2.88 -30.67 -19.56
N LYS A 11 2.80 -29.73 -20.50
CA LYS A 11 3.91 -29.37 -21.36
C LYS A 11 4.48 -28.02 -20.93
N GLU A 12 5.80 -27.86 -21.13
CA GLU A 12 6.49 -26.65 -20.69
C GLU A 12 7.35 -26.11 -21.83
N MET A 13 7.60 -24.80 -21.77
CA MET A 13 8.40 -24.11 -22.78
C MET A 13 8.97 -22.84 -22.16
N ARG A 14 10.26 -22.60 -22.41
CA ARG A 14 10.95 -21.44 -21.89
C ARG A 14 11.09 -20.39 -22.98
N ILE A 15 10.66 -19.16 -22.68
CA ILE A 15 10.63 -18.07 -23.65
C ILE A 15 11.43 -16.90 -23.10
N LEU A 16 12.29 -16.32 -23.92
CA LEU A 16 13.09 -15.16 -23.57
C LEU A 16 12.60 -13.97 -24.39
N MET A 17 12.31 -12.86 -23.72
CA MET A 17 11.81 -11.65 -24.37
C MET A 17 12.94 -10.62 -24.42
N LEU A 18 13.34 -10.25 -25.62
CA LEU A 18 14.39 -9.26 -25.83
C LEU A 18 13.90 -8.20 -26.80
N GLY A 19 14.53 -7.03 -26.74
CA GLY A 19 14.16 -5.94 -27.61
C GLY A 19 14.73 -4.63 -27.10
N LEU A 20 14.54 -3.59 -27.92
CA LEU A 20 15.01 -2.26 -27.61
C LEU A 20 14.12 -1.63 -26.53
N ASP A 21 14.48 -0.41 -26.13
CA ASP A 21 13.64 0.34 -25.22
C ASP A 21 12.34 0.76 -25.92
N ALA A 22 11.32 1.04 -25.11
CA ALA A 22 9.99 1.41 -25.59
C ALA A 22 9.37 0.34 -26.47
N ALA A 23 9.81 -0.92 -26.32
CA ALA A 23 9.23 -1.99 -27.13
C ALA A 23 7.89 -2.43 -26.57
N GLY A 24 7.74 -2.45 -25.26
CA GLY A 24 6.50 -2.85 -24.63
C GLY A 24 6.46 -4.27 -24.12
N LYS A 25 7.61 -4.86 -23.80
CA LYS A 25 7.63 -6.26 -23.36
C LYS A 25 6.89 -6.43 -22.05
N THR A 26 7.09 -5.49 -21.11
CA THR A 26 6.43 -5.58 -19.81
C THR A 26 4.91 -5.53 -19.95
N THR A 27 4.41 -4.63 -20.80
CA THR A 27 2.97 -4.54 -21.02
C THR A 27 2.43 -5.84 -21.62
N ILE A 28 3.15 -6.43 -22.56
CA ILE A 28 2.71 -7.69 -23.16
C ILE A 28 2.64 -8.78 -22.11
N LEU A 29 3.69 -8.91 -21.29
CA LEU A 29 3.71 -9.96 -20.27
C LEU A 29 2.60 -9.77 -19.25
N TYR A 30 2.39 -8.52 -18.80
CA TYR A 30 1.33 -8.27 -17.82
C TYR A 30 -0.06 -8.49 -18.41
N LYS A 31 -0.25 -8.16 -19.69
CA LYS A 31 -1.55 -8.41 -20.32
C LYS A 31 -1.80 -9.90 -20.48
N LEU A 32 -0.75 -10.67 -20.78
CA LEU A 32 -0.90 -12.12 -20.87
C LEU A 32 -1.19 -12.74 -19.51
N LYS A 33 -0.55 -12.23 -18.46
CA LYS A 33 -0.67 -12.86 -17.15
C LYS A 33 -1.96 -12.46 -16.44
N LEU A 34 -2.32 -11.18 -16.48
CA LEU A 34 -3.42 -10.66 -15.67
C LEU A 34 -4.67 -10.33 -16.45
N GLY A 35 -4.56 -10.08 -17.76
CA GLY A 35 -5.67 -9.55 -18.52
C GLY A 35 -5.93 -8.07 -18.33
N GLN A 36 -5.12 -7.41 -17.52
CA GLN A 36 -5.24 -5.98 -17.25
C GLN A 36 -4.18 -5.21 -18.02
N SER A 37 -4.47 -3.94 -18.27
CA SER A 37 -3.50 -3.01 -18.87
C SER A 37 -2.79 -2.31 -17.71
N VAL A 38 -1.56 -2.74 -17.43
CA VAL A 38 -0.83 -2.29 -16.24
C VAL A 38 0.01 -1.07 -16.60
N THR A 39 -0.12 -0.01 -15.81
CA THR A 39 0.78 1.12 -15.92
C THR A 39 2.16 0.71 -15.40
N THR A 40 3.17 0.90 -16.23
CA THR A 40 4.50 0.36 -15.95
C THR A 40 5.51 1.47 -15.68
N ILE A 41 6.62 1.06 -15.07
CA ILE A 41 7.75 1.95 -14.79
C ILE A 41 8.95 1.38 -15.56
N PRO A 42 9.77 2.21 -16.18
CA PRO A 42 10.98 1.69 -16.84
C PRO A 42 11.83 0.87 -15.89
N THR A 43 12.22 -0.33 -16.33
CA THR A 43 12.80 -1.33 -15.47
C THR A 43 14.31 -1.45 -15.68
N VAL A 44 15.03 -1.64 -14.58
CA VAL A 44 16.40 -2.14 -14.59
C VAL A 44 16.41 -3.41 -13.75
N GLY A 45 17.17 -4.40 -14.20
CA GLY A 45 17.00 -5.75 -13.69
C GLY A 45 16.05 -6.50 -14.60
N PHE A 46 15.32 -7.48 -14.05
CA PHE A 46 14.43 -8.28 -14.88
C PHE A 46 13.39 -8.97 -14.01
N ASN A 47 12.34 -9.45 -14.67
CA ASN A 47 11.26 -10.21 -14.06
C ASN A 47 11.18 -11.60 -14.68
N VAL A 48 10.59 -12.53 -13.93
CA VAL A 48 10.31 -13.87 -14.41
C VAL A 48 8.87 -14.21 -14.02
N GLU A 49 8.04 -14.50 -15.01
CA GLU A 49 6.62 -14.76 -14.78
C GLU A 49 6.20 -16.00 -15.54
N THR A 50 5.18 -16.69 -15.00
CA THR A 50 4.65 -17.91 -15.58
C THR A 50 3.25 -17.64 -16.11
N VAL A 51 3.00 -18.05 -17.36
CA VAL A 51 1.71 -17.87 -18.01
C VAL A 51 1.26 -19.22 -18.56
N THR A 52 0.06 -19.64 -18.20
CA THR A 52 -0.57 -20.85 -18.71
C THR A 52 -1.66 -20.47 -19.70
N TYR A 53 -1.65 -21.11 -20.88
CA TYR A 53 -2.57 -20.73 -21.95
C TYR A 53 -3.46 -21.89 -22.35
N LYS A 54 -2.95 -22.88 -23.09
CA LYS A 54 -3.72 -24.05 -23.46
C LYS A 54 -3.44 -25.18 -22.48
N ASN A 55 -2.46 -26.03 -22.80
CA ASN A 55 -1.94 -27.03 -21.88
C ASN A 55 -0.45 -26.88 -21.68
N VAL A 56 0.14 -25.76 -22.11
CA VAL A 56 1.57 -25.53 -22.05
C VAL A 56 1.85 -24.45 -21.01
N LYS A 57 2.83 -24.70 -20.16
CA LYS A 57 3.23 -23.78 -19.11
C LYS A 57 4.42 -22.96 -19.59
N PHE A 58 4.23 -21.66 -19.74
CA PHE A 58 5.23 -20.77 -20.32
C PHE A 58 5.99 -20.02 -19.22
N ASN A 59 7.29 -20.25 -19.15
CA ASN A 59 8.18 -19.51 -18.26
C ASN A 59 8.84 -18.40 -19.07
N VAL A 60 8.40 -17.16 -18.85
CA VAL A 60 8.79 -16.02 -19.66
C VAL A 60 9.77 -15.16 -18.88
N TRP A 61 10.86 -14.77 -19.52
CA TRP A 61 11.88 -13.92 -18.91
C TRP A 61 11.80 -12.53 -19.53
N ASP A 62 11.69 -11.52 -18.67
CA ASP A 62 11.47 -10.14 -19.08
C ASP A 62 12.68 -9.31 -18.66
N VAL A 63 13.63 -9.14 -19.57
CA VAL A 63 14.87 -8.40 -19.32
C VAL A 63 14.74 -6.99 -19.88
N GLY A 64 15.31 -6.02 -19.17
CA GLY A 64 15.23 -4.64 -19.59
C GLY A 64 15.95 -4.40 -20.90
N GLY A 65 15.65 -3.24 -21.49
CA GLY A 65 16.17 -2.90 -22.80
C GLY A 65 17.07 -1.68 -22.84
N GLN A 66 17.63 -1.30 -21.70
CA GLN A 66 18.57 -0.18 -21.68
C GLN A 66 19.90 -0.60 -22.31
N ASP A 67 20.65 0.39 -22.79
CA ASP A 67 21.91 0.12 -23.46
C ASP A 67 22.95 -0.42 -22.48
N LYS A 68 22.93 0.07 -21.23
CA LYS A 68 23.93 -0.34 -20.25
C LYS A 68 23.72 -1.73 -19.71
N ILE A 69 22.60 -2.39 -20.04
CA ILE A 69 22.32 -3.73 -19.56
C ILE A 69 22.20 -4.73 -20.72
N ARG A 70 22.69 -4.34 -21.91
CA ARG A 70 22.77 -5.28 -23.02
C ARG A 70 23.58 -6.53 -22.70
N PRO A 71 24.77 -6.46 -22.07
CA PRO A 71 25.52 -7.70 -21.82
C PRO A 71 24.81 -8.70 -20.94
N LEU A 72 23.80 -8.28 -20.17
CA LEU A 72 23.06 -9.22 -19.34
C LEU A 72 22.23 -10.21 -20.16
N TRP A 73 21.96 -9.89 -21.43
CA TRP A 73 21.18 -10.79 -22.27
C TRP A 73 21.88 -12.14 -22.47
N ARG A 74 23.21 -12.14 -22.53
CA ARG A 74 23.95 -13.35 -22.85
C ARG A 74 23.86 -14.41 -21.75
N HIS A 75 23.51 -14.02 -20.53
CA HIS A 75 23.47 -14.95 -19.41
C HIS A 75 22.11 -15.59 -19.21
N TYR A 76 21.17 -15.38 -20.15
CA TYR A 76 19.86 -16.02 -20.10
C TYR A 76 19.50 -16.66 -21.43
N TYR A 77 20.48 -16.87 -22.32
CA TYR A 77 20.22 -17.60 -23.55
C TYR A 77 20.06 -19.09 -23.29
N THR A 78 20.69 -19.60 -22.23
CA THR A 78 20.80 -21.04 -22.04
C THR A 78 19.42 -21.68 -21.83
N GLY A 79 19.14 -22.69 -22.65
CA GLY A 79 17.90 -23.44 -22.53
C GLY A 79 16.70 -22.81 -23.21
N THR A 80 16.91 -21.82 -24.08
CA THR A 80 15.79 -21.14 -24.72
C THR A 80 15.18 -22.01 -25.81
N GLN A 81 13.86 -22.16 -25.76
CA GLN A 81 13.10 -22.82 -26.81
C GLN A 81 12.51 -21.83 -27.81
N GLY A 82 12.11 -20.65 -27.35
CA GLY A 82 11.55 -19.65 -28.24
C GLY A 82 11.97 -18.24 -27.86
N LEU A 83 12.20 -17.40 -28.86
CA LEU A 83 12.62 -16.02 -28.65
C LEU A 83 11.54 -15.07 -29.17
N ILE A 84 11.10 -14.16 -28.31
CA ILE A 84 10.16 -13.11 -28.69
C ILE A 84 10.93 -11.80 -28.80
N PHE A 85 11.11 -11.31 -30.01
CA PHE A 85 11.80 -10.05 -30.26
C PHE A 85 10.75 -8.98 -30.51
N VAL A 86 10.50 -8.15 -29.49
CA VAL A 86 9.47 -7.12 -29.55
C VAL A 86 10.06 -5.86 -30.19
N VAL A 87 9.36 -5.33 -31.18
CA VAL A 87 9.82 -4.17 -31.95
C VAL A 87 8.75 -3.09 -31.91
N ASP A 88 9.16 -1.87 -31.59
CA ASP A 88 8.29 -0.71 -31.73
C ASP A 88 8.11 -0.44 -33.22
N CYS A 89 6.94 -0.82 -33.76
CA CYS A 89 6.71 -0.71 -35.20
C CYS A 89 6.54 0.72 -35.68
N ALA A 90 6.54 1.71 -34.79
CA ALA A 90 6.47 3.10 -35.19
C ALA A 90 7.82 3.80 -35.12
N ASP A 91 8.81 3.22 -34.46
CA ASP A 91 10.14 3.80 -34.37
C ASP A 91 10.98 3.38 -35.57
N ARG A 92 10.63 3.96 -36.72
CA ARG A 92 11.34 3.67 -37.97
C ARG A 92 12.79 4.11 -37.92
N ASP A 93 13.14 5.06 -37.07
CA ASP A 93 14.50 5.59 -37.04
C ASP A 93 15.50 4.64 -36.42
N ARG A 94 15.04 3.61 -35.69
CA ARG A 94 15.93 2.68 -35.02
C ARG A 94 15.64 1.22 -35.37
N ILE A 95 14.93 0.99 -36.47
CA ILE A 95 14.72 -0.37 -36.93
C ILE A 95 16.05 -1.02 -37.31
N ASP A 96 17.05 -0.20 -37.68
CA ASP A 96 18.37 -0.75 -37.97
C ASP A 96 19.06 -1.24 -36.70
N GLU A 97 18.93 -0.49 -35.60
CA GLU A 97 19.44 -0.98 -34.31
C GLU A 97 18.72 -2.26 -33.90
N ALA A 98 17.41 -2.31 -34.11
CA ALA A 98 16.67 -3.54 -33.84
C ALA A 98 17.21 -4.70 -34.66
N ARG A 99 17.49 -4.47 -35.94
CA ARG A 99 18.04 -5.51 -36.81
C ARG A 99 19.40 -5.97 -36.31
N GLN A 100 20.27 -5.02 -35.94
CA GLN A 100 21.58 -5.38 -35.40
C GLN A 100 21.45 -6.27 -34.18
N GLU A 101 20.58 -5.88 -33.24
CA GLU A 101 20.42 -6.67 -32.02
C GLU A 101 19.88 -8.07 -32.34
N LEU A 102 18.86 -8.15 -33.21
CA LEU A 102 18.28 -9.44 -33.54
C LEU A 102 19.31 -10.36 -34.18
N HIS A 103 20.11 -9.84 -35.12
CA HIS A 103 21.09 -10.69 -35.80
C HIS A 103 22.27 -11.04 -34.89
N ARG A 104 22.59 -10.18 -33.92
CA ARG A 104 23.59 -10.55 -32.92
C ARG A 104 23.07 -11.66 -32.02
N ILE A 105 21.77 -11.65 -31.72
CA ILE A 105 21.21 -12.66 -30.84
C ILE A 105 21.12 -14.01 -31.55
N ILE A 106 20.48 -14.03 -32.73
CA ILE A 106 20.14 -15.29 -33.36
C ILE A 106 21.33 -16.01 -33.99
N ASN A 107 22.47 -15.32 -34.16
CA ASN A 107 23.66 -15.93 -34.74
C ASN A 107 24.65 -16.39 -33.68
N ASP A 108 24.28 -16.33 -32.41
CA ASP A 108 25.11 -16.91 -31.35
C ASP A 108 25.00 -18.44 -31.41
N ARG A 109 25.73 -19.12 -30.51
CA ARG A 109 25.74 -20.57 -30.56
C ARG A 109 24.53 -21.17 -29.85
N GLU A 110 24.09 -20.55 -28.75
CA GLU A 110 23.04 -21.16 -27.94
C GLU A 110 21.64 -20.93 -28.51
N MET A 111 21.42 -19.80 -29.18
CA MET A 111 20.09 -19.41 -29.63
C MET A 111 19.73 -19.93 -31.03
N ARG A 112 20.51 -20.87 -31.56
CA ARG A 112 20.28 -21.31 -32.94
C ARG A 112 19.08 -22.26 -33.07
N ASP A 113 18.73 -22.95 -32.00
CA ASP A 113 17.60 -23.86 -32.01
C ASP A 113 16.30 -23.21 -31.53
N ALA A 114 16.30 -21.90 -31.31
CA ALA A 114 15.15 -21.20 -30.76
C ALA A 114 14.18 -20.79 -31.87
N ILE A 115 12.89 -20.89 -31.57
CA ILE A 115 11.85 -20.42 -32.48
C ILE A 115 11.75 -18.90 -32.34
N ILE A 116 11.72 -18.20 -33.46
CA ILE A 116 11.79 -16.75 -33.49
C ILE A 116 10.42 -16.20 -33.82
N LEU A 117 9.88 -15.40 -32.90
CA LEU A 117 8.61 -14.68 -33.10
C LEU A 117 8.89 -13.19 -33.03
N ILE A 118 8.65 -12.50 -34.14
CA ILE A 118 8.82 -11.05 -34.20
C ILE A 118 7.51 -10.40 -33.80
N PHE A 119 7.55 -9.56 -32.76
CA PHE A 119 6.37 -8.99 -32.13
C PHE A 119 6.37 -7.48 -32.38
N ALA A 120 5.74 -7.07 -33.49
CA ALA A 120 5.64 -5.66 -33.86
C ALA A 120 4.52 -5.02 -33.04
N ASN A 121 4.89 -4.29 -31.99
CA ASN A 121 3.91 -3.70 -31.09
C ASN A 121 3.61 -2.26 -31.49
N LYS A 122 2.57 -1.69 -30.86
CA LYS A 122 2.13 -0.32 -31.11
C LYS A 122 1.69 -0.15 -32.56
N GLN A 123 0.85 -1.08 -33.02
CA GLN A 123 0.41 -1.06 -34.42
C GLN A 123 -0.59 0.06 -34.69
N ASP A 124 -1.19 0.65 -33.66
CA ASP A 124 -2.22 1.66 -33.83
C ASP A 124 -1.68 3.08 -33.79
N LEU A 125 -0.37 3.25 -33.88
CA LEU A 125 0.22 4.58 -33.84
C LEU A 125 0.08 5.26 -35.21
N PRO A 126 0.11 6.60 -35.23
CA PRO A 126 -0.17 7.31 -36.49
C PRO A 126 0.79 6.97 -37.63
N ASP A 127 2.05 6.66 -37.33
CA ASP A 127 3.04 6.34 -38.35
C ASP A 127 3.59 4.93 -38.15
N ALA A 128 2.71 3.98 -37.85
CA ALA A 128 3.13 2.61 -37.59
C ALA A 128 3.53 1.91 -38.89
N MET A 129 4.62 1.16 -38.83
CA MET A 129 5.06 0.39 -39.99
C MET A 129 4.25 -0.89 -40.12
N LYS A 130 4.07 -1.33 -41.37
CA LYS A 130 3.34 -2.55 -41.69
C LYS A 130 4.26 -3.76 -41.64
N PRO A 131 3.71 -4.95 -41.39
CA PRO A 131 4.58 -6.13 -41.20
C PRO A 131 5.53 -6.42 -42.35
N HIS A 132 5.14 -6.13 -43.59
CA HIS A 132 6.04 -6.34 -44.72
C HIS A 132 7.26 -5.44 -44.62
N GLU A 133 7.05 -4.18 -44.23
CA GLU A 133 8.17 -3.28 -44.01
C GLU A 133 9.05 -3.76 -42.87
N ILE A 134 8.45 -4.36 -41.84
CA ILE A 134 9.22 -4.92 -40.74
C ILE A 134 10.11 -6.04 -41.25
N GLN A 135 9.56 -6.94 -42.06
CA GLN A 135 10.35 -8.02 -42.64
C GLN A 135 11.49 -7.48 -43.49
N GLU A 136 11.21 -6.47 -44.31
CA GLU A 136 12.26 -5.93 -45.18
C GLU A 136 13.35 -5.24 -44.39
N LYS A 137 12.98 -4.49 -43.34
CA LYS A 137 13.98 -3.71 -42.61
C LYS A 137 14.81 -4.60 -41.69
N LEU A 138 14.19 -5.60 -41.05
CA LEU A 138 14.92 -6.49 -40.16
C LEU A 138 15.79 -7.49 -40.90
N GLY A 139 15.65 -7.61 -42.23
CA GLY A 139 16.41 -8.59 -42.96
C GLY A 139 15.94 -10.02 -42.80
N LEU A 140 14.72 -10.22 -42.32
CA LEU A 140 14.17 -11.56 -42.17
C LEU A 140 13.97 -12.26 -43.51
N THR A 141 13.84 -11.50 -44.59
CA THR A 141 13.69 -12.08 -45.92
C THR A 141 14.94 -12.84 -46.37
N ARG A 142 16.07 -12.65 -45.71
CA ARG A 142 17.30 -13.34 -46.04
C ARG A 142 17.60 -14.49 -45.09
N ILE A 143 16.69 -14.79 -44.17
CA ILE A 143 16.85 -15.88 -43.22
C ILE A 143 16.08 -17.08 -43.76
N ARG A 144 16.81 -18.10 -44.21
CA ARG A 144 16.20 -19.29 -44.81
C ARG A 144 16.54 -20.57 -44.05
N ASP A 145 17.08 -20.47 -42.84
CA ASP A 145 17.60 -21.64 -42.14
C ASP A 145 16.90 -21.90 -40.80
N ARG A 146 15.77 -21.26 -40.54
CA ARG A 146 15.08 -21.45 -39.27
C ARG A 146 13.62 -21.06 -39.42
N ASN A 147 12.87 -21.27 -38.34
CA ASN A 147 11.43 -21.05 -38.31
C ASN A 147 11.15 -19.70 -37.64
N TRP A 148 10.60 -18.76 -38.40
CA TRP A 148 10.28 -17.43 -37.89
C TRP A 148 8.96 -16.96 -38.47
N TYR A 149 8.41 -15.91 -37.87
CA TYR A 149 7.10 -15.39 -38.22
C TYR A 149 6.93 -14.02 -37.58
N VAL A 150 6.27 -13.11 -38.28
CA VAL A 150 6.05 -11.74 -37.83
C VAL A 150 4.58 -11.58 -37.45
N GLN A 151 4.33 -10.99 -36.29
CA GLN A 151 2.97 -10.79 -35.81
C GLN A 151 2.79 -9.38 -35.25
N PRO A 152 2.01 -8.54 -35.91
CA PRO A 152 1.70 -7.21 -35.34
C PRO A 152 0.78 -7.34 -34.15
N SER A 153 0.77 -6.30 -33.31
CA SER A 153 0.01 -6.38 -32.08
C SER A 153 -0.25 -4.99 -31.53
N CYS A 154 -1.23 -4.93 -30.62
CA CYS A 154 -1.52 -3.76 -29.80
C CYS A 154 -1.69 -4.27 -28.37
N ALA A 155 -0.62 -4.16 -27.58
CA ALA A 155 -0.57 -4.86 -26.29
C ALA A 155 -1.60 -4.34 -25.30
N THR A 156 -1.92 -3.04 -25.34
CA THR A 156 -2.85 -2.48 -24.37
C THR A 156 -4.25 -3.07 -24.53
N SER A 157 -4.64 -3.42 -25.75
CA SER A 157 -5.93 -4.04 -26.00
C SER A 157 -5.87 -5.56 -25.98
N GLY A 158 -4.69 -6.13 -26.18
CA GLY A 158 -4.54 -7.57 -26.25
C GLY A 158 -4.66 -8.17 -27.63
N ASP A 159 -4.72 -7.32 -28.67
CA ASP A 159 -4.84 -7.81 -30.04
C ASP A 159 -3.51 -8.34 -30.54
N GLY A 160 -3.51 -9.57 -31.04
CA GLY A 160 -2.33 -10.19 -31.60
C GLY A 160 -1.47 -10.98 -30.64
N LEU A 161 -1.73 -10.88 -29.33
CA LEU A 161 -0.89 -11.58 -28.36
C LEU A 161 -1.16 -13.08 -28.38
N TYR A 162 -2.43 -13.47 -28.25
CA TYR A 162 -2.77 -14.88 -28.20
C TYR A 162 -2.54 -15.58 -29.54
N GLU A 163 -2.66 -14.86 -30.65
CA GLU A 163 -2.31 -15.45 -31.94
C GLU A 163 -0.83 -15.82 -31.99
N GLY A 164 0.04 -14.92 -31.54
CA GLY A 164 1.46 -15.23 -31.50
C GLY A 164 1.79 -16.33 -30.52
N LEU A 165 1.11 -16.36 -29.37
CA LEU A 165 1.32 -17.44 -28.41
C LEU A 165 0.90 -18.78 -29.00
N THR A 166 -0.22 -18.79 -29.74
CA THR A 166 -0.66 -20.02 -30.39
C THR A 166 0.32 -20.45 -31.48
N TRP A 167 0.89 -19.49 -32.22
CA TRP A 167 1.89 -19.85 -33.22
C TRP A 167 3.14 -20.43 -32.57
N LEU A 168 3.57 -19.87 -31.44
CA LEU A 168 4.70 -20.44 -30.72
C LEU A 168 4.39 -21.84 -30.21
N THR A 169 3.15 -22.06 -29.76
CA THR A 169 2.76 -23.38 -29.28
C THR A 169 2.74 -24.40 -30.41
N SER A 170 2.22 -24.02 -31.58
CA SER A 170 2.05 -24.98 -32.67
C SER A 170 3.38 -25.40 -33.26
N ASN A 171 4.39 -24.53 -33.25
CA ASN A 171 5.65 -24.80 -33.92
C ASN A 171 6.71 -25.43 -33.00
N TYR A 172 6.37 -25.70 -31.74
CA TYR A 172 7.32 -26.28 -30.79
C TYR A 172 7.01 -27.76 -30.62
N LYS A 173 7.94 -28.60 -31.08
CA LYS A 173 7.82 -30.04 -30.91
C LYS A 173 9.18 -30.64 -30.60
N ASN B 10 0.70 -23.05 2.27
CA ASN B 10 1.44 -22.30 3.26
C ASN B 10 2.93 -22.31 2.97
N LYS B 11 3.41 -21.22 2.37
CA LYS B 11 4.82 -21.05 2.04
C LYS B 11 5.45 -20.04 3.00
N GLU B 12 6.77 -20.15 3.14
CA GLU B 12 7.53 -19.27 4.01
C GLU B 12 8.80 -18.82 3.31
N MET B 13 9.26 -17.62 3.65
CA MET B 13 10.47 -17.05 3.07
C MET B 13 11.10 -16.11 4.09
N ARG B 14 12.42 -16.22 4.24
CA ARG B 14 13.17 -15.40 5.18
C ARG B 14 13.86 -14.27 4.43
N ILE B 15 13.64 -13.03 4.87
CA ILE B 15 14.16 -11.84 4.22
C ILE B 15 15.04 -11.09 5.21
N LEU B 16 16.22 -10.67 4.74
CA LEU B 16 17.15 -9.87 5.54
C LEU B 16 17.22 -8.47 4.97
N MET B 17 16.99 -7.47 5.83
CA MET B 17 17.01 -6.07 5.43
C MET B 17 18.30 -5.43 5.95
N LEU B 18 19.14 -4.98 5.03
CA LEU B 18 20.41 -4.36 5.36
C LEU B 18 20.56 -3.06 4.59
N GLY B 19 21.47 -2.21 5.06
CA GLY B 19 21.73 -0.95 4.41
C GLY B 19 22.33 0.05 5.39
N LEU B 20 22.75 1.18 4.82
CA LEU B 20 23.32 2.26 5.62
C LEU B 20 22.23 2.91 6.47
N ASP B 21 22.67 3.74 7.41
CA ASP B 21 21.72 4.47 8.23
C ASP B 21 20.97 5.49 7.39
N ALA B 22 19.81 5.91 7.89
CA ALA B 22 18.91 6.84 7.20
C ALA B 22 18.36 6.25 5.90
N ALA B 23 18.45 4.93 5.73
CA ALA B 23 17.88 4.30 4.55
C ALA B 23 16.36 4.21 4.65
N GLY B 24 15.84 4.08 5.86
CA GLY B 24 14.41 3.97 6.07
C GLY B 24 13.86 2.57 6.12
N LYS B 25 14.65 1.60 6.61
CA LYS B 25 14.20 0.21 6.61
C LYS B 25 13.09 -0.02 7.62
N THR B 26 13.19 0.61 8.80
CA THR B 26 12.17 0.44 9.83
C THR B 26 10.84 1.01 9.38
N THR B 27 10.86 2.18 8.74
CA THR B 27 9.64 2.76 8.20
C THR B 27 8.99 1.82 7.18
N ILE B 28 9.80 1.20 6.33
CA ILE B 28 9.28 0.25 5.34
C ILE B 28 8.63 -0.94 6.04
N LEU B 29 9.35 -1.53 7.00
CA LEU B 29 8.84 -2.72 7.68
C LEU B 29 7.54 -2.44 8.41
N TYR B 30 7.43 -1.28 9.05
CA TYR B 30 6.21 -1.00 9.81
C TYR B 30 5.09 -0.43 8.96
N LYS B 31 5.39 0.14 7.79
CA LYS B 31 4.34 0.48 6.85
C LYS B 31 3.79 -0.78 6.19
N LEU B 32 4.61 -1.82 6.09
CA LEU B 32 4.11 -3.11 5.61
C LEU B 32 3.31 -3.84 6.69
N LYS B 33 3.83 -3.85 7.93
CA LYS B 33 3.21 -4.65 8.99
C LYS B 33 1.96 -3.97 9.54
N LEU B 34 2.08 -2.73 10.00
CA LEU B 34 0.96 -2.04 10.62
C LEU B 34 0.08 -1.28 9.63
N GLY B 35 0.66 -0.78 8.55
CA GLY B 35 -0.07 0.00 7.57
C GLY B 35 0.03 1.50 7.76
N GLN B 36 0.53 1.96 8.89
CA GLN B 36 0.68 3.37 9.18
C GLN B 36 2.15 3.78 9.13
N SER B 37 2.39 5.05 8.82
CA SER B 37 3.73 5.61 8.95
C SER B 37 4.03 5.83 10.43
N VAL B 38 5.26 5.49 10.83
CA VAL B 38 5.63 5.46 12.23
C VAL B 38 6.81 6.40 12.49
N THR B 39 6.88 6.90 13.72
CA THR B 39 8.04 7.64 14.20
C THR B 39 8.97 6.66 14.90
N THR B 40 10.25 6.71 14.53
CA THR B 40 11.20 5.68 14.93
C THR B 40 12.36 6.27 15.73
N ILE B 41 12.99 5.39 16.50
CA ILE B 41 14.25 5.67 17.18
C ILE B 41 15.28 4.71 16.62
N PRO B 42 16.49 5.16 16.23
CA PRO B 42 17.47 4.26 15.62
C PRO B 42 17.73 2.99 16.43
N THR B 43 17.51 1.84 15.81
CA THR B 43 17.68 0.56 16.49
C THR B 43 19.16 0.26 16.69
N VAL B 44 19.54 -0.07 17.93
CA VAL B 44 20.89 -0.51 18.23
C VAL B 44 21.02 -2.02 18.23
N GLY B 45 19.96 -2.74 17.87
CA GLY B 45 19.99 -4.18 17.77
C GLY B 45 19.32 -4.67 16.48
N PHE B 46 18.12 -5.21 16.60
CA PHE B 46 17.37 -5.65 15.43
C PHE B 46 15.90 -5.77 15.78
N ASN B 47 15.07 -5.76 14.74
CA ASN B 47 13.63 -5.90 14.86
C ASN B 47 13.16 -7.04 13.97
N VAL B 48 12.19 -7.82 14.45
CA VAL B 48 11.65 -8.97 13.73
C VAL B 48 10.15 -8.83 13.66
N GLU B 49 9.60 -8.77 12.45
CA GLU B 49 8.17 -8.72 12.22
C GLU B 49 7.81 -9.73 11.13
N THR B 50 6.57 -10.22 11.19
CA THR B 50 6.07 -11.22 10.25
C THR B 50 4.93 -10.61 9.45
N VAL B 51 5.03 -10.68 8.13
CA VAL B 51 4.04 -10.11 7.22
C VAL B 51 3.66 -11.16 6.20
N THR B 52 2.39 -11.57 6.21
CA THR B 52 1.85 -12.47 5.20
C THR B 52 1.16 -11.64 4.12
N TYR B 53 1.44 -11.95 2.86
CA TYR B 53 0.95 -11.12 1.75
C TYR B 53 -0.01 -11.87 0.86
N LYS B 54 0.52 -12.64 -0.09
CA LYS B 54 -0.31 -13.39 -1.05
C LYS B 54 -0.67 -14.76 -0.46
N ASN B 55 0.29 -15.68 -0.47
CA ASN B 55 0.13 -16.98 0.17
C ASN B 55 1.39 -17.38 0.95
N VAL B 56 2.34 -16.47 1.11
CA VAL B 56 3.65 -16.77 1.68
C VAL B 56 3.85 -15.92 2.92
N LYS B 57 4.39 -16.55 3.96
CA LYS B 57 4.62 -15.90 5.25
C LYS B 57 6.06 -15.41 5.31
N PHE B 58 6.23 -14.08 5.38
CA PHE B 58 7.54 -13.46 5.33
C PHE B 58 8.03 -13.16 6.75
N ASN B 59 9.18 -13.73 7.10
CA ASN B 59 9.89 -13.40 8.33
C ASN B 59 10.99 -12.42 7.97
N VAL B 60 10.78 -11.15 8.30
CA VAL B 60 11.67 -10.06 7.87
C VAL B 60 12.53 -9.65 9.06
N TRP B 61 13.84 -9.58 8.85
CA TRP B 61 14.80 -9.21 9.88
C TRP B 61 15.33 -7.83 9.59
N ASP B 62 15.07 -6.88 10.48
CA ASP B 62 15.53 -5.50 10.35
C ASP B 62 16.73 -5.31 11.27
N VAL B 63 17.93 -5.43 10.71
CA VAL B 63 19.17 -5.24 11.45
C VAL B 63 19.63 -3.80 11.27
N GLY B 64 19.96 -3.15 12.38
CA GLY B 64 20.31 -1.73 12.32
C GLY B 64 21.58 -1.49 11.53
N GLY B 65 21.67 -0.31 10.94
CA GLY B 65 22.80 0.06 10.10
C GLY B 65 23.74 1.09 10.68
N GLN B 66 23.67 1.37 11.99
CA GLN B 66 24.61 2.31 12.60
C GLN B 66 26.02 1.72 12.58
N ASP B 67 27.01 2.62 12.61
CA ASP B 67 28.40 2.19 12.46
C ASP B 67 28.81 1.22 13.57
N LYS B 68 28.29 1.43 14.79
CA LYS B 68 28.74 0.66 15.93
C LYS B 68 28.23 -0.78 15.94
N ILE B 69 27.27 -1.11 15.06
CA ILE B 69 26.71 -2.47 15.05
C ILE B 69 26.79 -3.05 13.64
N ARG B 70 27.70 -2.53 12.82
CA ARG B 70 27.91 -3.11 11.49
C ARG B 70 28.32 -4.58 11.53
N PRO B 71 29.21 -5.04 12.40
CA PRO B 71 29.55 -6.48 12.42
C PRO B 71 28.39 -7.38 12.79
N LEU B 72 27.28 -6.84 13.29
CA LEU B 72 26.13 -7.68 13.65
C LEU B 72 25.50 -8.34 12.44
N TRP B 73 25.75 -7.82 11.23
CA TRP B 73 25.13 -8.37 10.03
C TRP B 73 25.57 -9.81 9.77
N ARG B 74 26.75 -10.20 10.26
CA ARG B 74 27.29 -11.51 9.95
C ARG B 74 26.50 -12.65 10.58
N HIS B 75 25.71 -12.38 11.60
CA HIS B 75 25.00 -13.42 12.33
C HIS B 75 23.60 -13.69 11.78
N TYR B 76 23.19 -13.01 10.71
CA TYR B 76 21.86 -13.18 10.15
C TYR B 76 21.90 -13.49 8.66
N TYR B 77 23.06 -13.87 8.15
CA TYR B 77 23.14 -14.35 6.76
C TYR B 77 22.58 -15.76 6.64
N THR B 78 22.68 -16.56 7.69
CA THR B 78 22.33 -17.98 7.61
C THR B 78 20.83 -18.16 7.37
N GLY B 79 20.50 -18.93 6.34
CA GLY B 79 19.12 -19.23 6.03
C GLY B 79 18.37 -18.17 5.26
N THR B 80 19.07 -17.17 4.73
CA THR B 80 18.41 -16.08 4.01
C THR B 80 18.10 -16.50 2.58
N GLN B 81 16.86 -16.28 2.15
CA GLN B 81 16.43 -16.51 0.77
C GLN B 81 16.49 -15.25 -0.08
N GLY B 82 16.19 -14.10 0.50
CA GLY B 82 16.21 -12.85 -0.25
C GLY B 82 16.74 -11.72 0.59
N LEU B 83 17.44 -10.80 -0.07
CA LEU B 83 18.06 -9.66 0.57
C LEU B 83 17.44 -8.37 0.03
N ILE B 84 16.98 -7.50 0.93
CA ILE B 84 16.47 -6.19 0.58
C ILE B 84 17.51 -5.17 1.02
N PHE B 85 18.17 -4.55 0.04
CA PHE B 85 19.18 -3.53 0.29
C PHE B 85 18.54 -2.16 0.04
N VAL B 86 18.16 -1.49 1.12
CA VAL B 86 17.48 -0.19 1.02
C VAL B 86 18.52 0.90 0.85
N VAL B 87 18.31 1.76 -0.13
CA VAL B 87 19.28 2.80 -0.50
C VAL B 87 18.59 4.16 -0.43
N ASP B 88 19.24 5.10 0.26
CA ASP B 88 18.82 6.50 0.22
C ASP B 88 19.18 7.07 -1.16
N CYS B 89 18.16 7.27 -2.00
CA CYS B 89 18.40 7.71 -3.37
C CYS B 89 18.66 9.21 -3.48
N ALA B 90 18.66 9.95 -2.37
CA ALA B 90 18.98 11.37 -2.40
C ALA B 90 20.32 11.70 -1.77
N ASP B 91 20.78 10.91 -0.80
CA ASP B 91 22.06 11.14 -0.14
C ASP B 91 23.17 10.60 -1.05
N ARG B 92 23.57 11.42 -2.02
CA ARG B 92 24.59 11.00 -2.98
C ARG B 92 25.96 10.79 -2.34
N ASP B 93 26.20 11.40 -1.17
CA ASP B 93 27.54 11.42 -0.60
C ASP B 93 27.97 10.07 -0.03
N ARG B 94 27.05 9.12 0.15
CA ARG B 94 27.38 7.83 0.75
C ARG B 94 27.02 6.65 -0.15
N ILE B 95 26.74 6.91 -1.43
CA ILE B 95 26.40 5.82 -2.35
C ILE B 95 27.62 4.92 -2.57
N ASP B 96 28.83 5.45 -2.41
CA ASP B 96 30.02 4.61 -2.52
C ASP B 96 30.09 3.59 -1.39
N GLU B 97 29.83 4.03 -0.15
CA GLU B 97 29.79 3.10 0.98
C GLU B 97 28.64 2.12 0.81
N ALA B 98 27.51 2.58 0.26
CA ALA B 98 26.41 1.67 -0.04
C ALA B 98 26.84 0.57 -1.00
N ARG B 99 27.55 0.94 -2.06
CA ARG B 99 28.05 -0.04 -3.03
C ARG B 99 29.00 -1.01 -2.37
N GLN B 100 29.96 -0.49 -1.59
CA GLN B 100 30.91 -1.35 -0.89
C GLN B 100 30.18 -2.37 -0.02
N GLU B 101 29.21 -1.92 0.77
CA GLU B 101 28.52 -2.82 1.68
C GLU B 101 27.68 -3.84 0.92
N LEU B 102 27.00 -3.42 -0.14
CA LEU B 102 26.22 -4.36 -0.94
C LEU B 102 27.10 -5.48 -1.48
N HIS B 103 28.25 -5.11 -2.06
CA HIS B 103 29.11 -6.14 -2.65
C HIS B 103 29.85 -6.95 -1.60
N ARG B 104 30.05 -6.41 -0.40
CA ARG B 104 30.59 -7.22 0.69
C ARG B 104 29.56 -8.22 1.19
N ILE B 105 28.28 -7.85 1.17
CA ILE B 105 27.23 -8.76 1.62
C ILE B 105 27.04 -9.89 0.61
N ILE B 106 26.79 -9.54 -0.66
CA ILE B 106 26.34 -10.54 -1.63
C ILE B 106 27.42 -11.50 -2.07
N ASN B 107 28.69 -11.19 -1.81
CA ASN B 107 29.79 -12.05 -2.24
C ASN B 107 30.28 -12.98 -1.14
N ASP B 108 29.55 -13.09 -0.04
CA ASP B 108 29.87 -14.07 0.98
C ASP B 108 29.44 -15.46 0.50
N ARG B 109 29.86 -16.48 1.27
CA ARG B 109 29.52 -17.85 0.88
C ARG B 109 28.06 -18.20 1.16
N GLU B 110 27.49 -17.63 2.22
CA GLU B 110 26.12 -17.97 2.59
C GLU B 110 25.10 -17.21 1.76
N MET B 111 25.41 -15.98 1.35
CA MET B 111 24.48 -15.12 0.62
C MET B 111 24.54 -15.34 -0.89
N ARG B 112 25.18 -16.42 -1.36
CA ARG B 112 25.29 -16.64 -2.79
C ARG B 112 23.94 -16.95 -3.43
N ASP B 113 23.05 -17.63 -2.71
CA ASP B 113 21.74 -18.01 -3.24
C ASP B 113 20.66 -16.99 -2.93
N ALA B 114 21.02 -15.82 -2.40
CA ALA B 114 20.03 -14.83 -1.99
C ALA B 114 19.60 -13.97 -3.18
N ILE B 115 18.31 -13.62 -3.19
CA ILE B 115 17.78 -12.72 -4.20
C ILE B 115 18.03 -11.28 -3.76
N ILE B 116 18.45 -10.44 -4.70
CA ILE B 116 18.87 -9.08 -4.41
C ILE B 116 17.78 -8.14 -4.90
N LEU B 117 17.13 -7.45 -3.97
CA LEU B 117 16.15 -6.41 -4.29
C LEU B 117 16.70 -5.07 -3.82
N ILE B 118 16.99 -4.18 -4.76
CA ILE B 118 17.45 -2.84 -4.44
C ILE B 118 16.23 -1.95 -4.28
N PHE B 119 16.08 -1.36 -3.10
CA PHE B 119 14.91 -0.56 -2.75
C PHE B 119 15.33 0.89 -2.59
N ALA B 120 15.18 1.67 -3.66
CA ALA B 120 15.53 3.09 -3.65
C ALA B 120 14.41 3.88 -3.01
N ASN B 121 14.65 4.35 -1.78
CA ASN B 121 13.65 5.05 -1.01
C ASN B 121 13.83 6.57 -1.14
N LYS B 122 12.82 7.31 -0.69
CA LYS B 122 12.84 8.78 -0.69
C LYS B 122 12.88 9.34 -2.11
N GLN B 123 11.95 8.90 -2.95
CA GLN B 123 11.88 9.35 -4.33
C GLN B 123 11.25 10.73 -4.49
N ASP B 124 10.58 11.25 -3.45
CA ASP B 124 9.90 12.53 -3.55
C ASP B 124 10.80 13.71 -3.17
N LEU B 125 12.10 13.46 -2.95
CA LEU B 125 13.00 14.52 -2.57
C LEU B 125 13.48 15.29 -3.81
N PRO B 126 13.84 16.57 -3.64
CA PRO B 126 14.17 17.39 -4.82
C PRO B 126 15.31 16.84 -5.68
N ASP B 127 16.29 16.19 -5.08
CA ASP B 127 17.41 15.64 -5.85
C ASP B 127 17.46 14.12 -5.72
N ALA B 128 16.31 13.47 -5.91
CA ALA B 128 16.25 12.02 -5.82
C ALA B 128 16.85 11.38 -7.06
N MET B 129 17.65 10.33 -6.85
CA MET B 129 18.25 9.61 -7.96
C MET B 129 17.27 8.58 -8.52
N LYS B 130 17.20 8.51 -9.84
CA LYS B 130 16.37 7.53 -10.51
C LYS B 130 17.03 6.17 -10.48
N PRO B 131 16.27 5.08 -10.68
CA PRO B 131 16.88 3.74 -10.61
C PRO B 131 18.04 3.54 -11.58
N HIS B 132 18.10 4.29 -12.68
CA HIS B 132 19.22 4.16 -13.60
C HIS B 132 20.52 4.65 -12.97
N GLU B 133 20.50 5.84 -12.39
CA GLU B 133 21.67 6.34 -11.67
C GLU B 133 22.02 5.42 -10.50
N ILE B 134 21.01 4.78 -9.88
CA ILE B 134 21.29 3.86 -8.79
C ILE B 134 22.02 2.63 -9.29
N GLN B 135 21.57 2.05 -10.41
CA GLN B 135 22.26 0.89 -10.97
C GLN B 135 23.65 1.26 -11.48
N GLU B 136 23.86 2.52 -11.88
CA GLU B 136 25.19 2.94 -12.29
C GLU B 136 26.11 3.11 -11.09
N LYS B 137 25.59 3.68 -10.00
CA LYS B 137 26.44 3.94 -8.83
C LYS B 137 26.74 2.69 -8.04
N LEU B 138 25.82 1.73 -8.01
CA LEU B 138 26.01 0.48 -7.30
C LEU B 138 26.79 -0.56 -8.10
N GLY B 139 26.84 -0.42 -9.42
CA GLY B 139 27.49 -1.43 -10.23
C GLY B 139 26.72 -2.73 -10.29
N LEU B 140 25.39 -2.66 -10.34
CA LEU B 140 24.55 -3.86 -10.35
C LEU B 140 24.73 -4.67 -11.63
N THR B 141 25.26 -4.07 -12.69
CA THR B 141 25.52 -4.80 -13.92
C THR B 141 26.60 -5.86 -13.75
N ARG B 142 27.34 -5.84 -12.64
CA ARG B 142 28.32 -6.87 -12.35
C ARG B 142 27.70 -8.12 -11.71
N ILE B 143 26.42 -8.07 -11.36
CA ILE B 143 25.72 -9.20 -10.78
C ILE B 143 25.02 -9.94 -11.92
N ARG B 144 25.54 -11.11 -12.29
CA ARG B 144 25.04 -11.85 -13.44
C ARG B 144 24.76 -13.31 -13.13
N ASP B 145 24.76 -13.71 -11.86
CA ASP B 145 24.54 -15.10 -11.47
C ASP B 145 23.27 -15.30 -10.67
N ARG B 146 22.44 -14.25 -10.53
CA ARG B 146 21.23 -14.34 -9.72
C ARG B 146 20.27 -13.24 -10.16
N ASN B 147 19.04 -13.34 -9.68
CA ASN B 147 18.02 -12.36 -10.02
C ASN B 147 18.19 -11.10 -9.17
N TRP B 148 18.01 -9.95 -9.81
CA TRP B 148 18.02 -8.68 -9.09
C TRP B 148 17.13 -7.68 -9.83
N TYR B 149 16.74 -6.63 -9.10
CA TYR B 149 15.75 -5.67 -9.57
C TYR B 149 15.79 -4.45 -8.66
N VAL B 150 15.52 -3.29 -9.24
CA VAL B 150 15.52 -2.02 -8.52
C VAL B 150 14.10 -1.47 -8.51
N GLN B 151 13.62 -1.11 -7.33
CA GLN B 151 12.26 -0.61 -7.16
C GLN B 151 12.28 0.76 -6.48
N PRO B 152 11.92 1.83 -7.17
CA PRO B 152 11.81 3.13 -6.51
C PRO B 152 10.59 3.15 -5.60
N SER B 153 10.67 3.96 -4.54
CA SER B 153 9.62 3.92 -3.53
C SER B 153 9.59 5.22 -2.74
N CYS B 154 8.47 5.43 -2.05
CA CYS B 154 8.29 6.49 -1.05
C CYS B 154 7.60 5.83 0.13
N ALA B 155 8.37 5.48 1.16
CA ALA B 155 7.87 4.59 2.20
C ALA B 155 6.81 5.25 3.08
N THR B 156 6.86 6.58 3.22
CA THR B 156 5.88 7.26 4.07
C THR B 156 4.47 7.11 3.50
N SER B 157 4.33 7.05 2.18
CA SER B 157 3.04 6.84 1.54
C SER B 157 2.80 5.38 1.18
N GLY B 158 3.81 4.52 1.29
CA GLY B 158 3.67 3.14 0.87
C GLY B 158 3.78 2.93 -0.62
N ASP B 159 4.30 3.91 -1.36
CA ASP B 159 4.39 3.83 -2.81
C ASP B 159 5.45 2.81 -3.20
N GLY B 160 5.02 1.64 -3.68
CA GLY B 160 5.92 0.67 -4.26
C GLY B 160 6.39 -0.44 -3.33
N LEU B 161 5.92 -0.47 -2.08
CA LEU B 161 6.33 -1.54 -1.17
C LEU B 161 5.79 -2.89 -1.63
N TYR B 162 4.48 -2.97 -1.84
CA TYR B 162 3.86 -4.24 -2.23
C TYR B 162 4.28 -4.67 -3.63
N GLU B 163 4.66 -3.74 -4.50
CA GLU B 163 5.22 -4.14 -5.80
C GLU B 163 6.53 -4.90 -5.61
N GLY B 164 7.42 -4.39 -4.77
CA GLY B 164 8.64 -5.11 -4.48
C GLY B 164 8.40 -6.42 -3.77
N LEU B 165 7.42 -6.46 -2.87
CA LEU B 165 7.08 -7.71 -2.20
C LEU B 165 6.57 -8.75 -3.20
N THR B 166 5.73 -8.32 -4.15
CA THR B 166 5.26 -9.21 -5.20
C THR B 166 6.42 -9.70 -6.06
N TRP B 167 7.36 -8.82 -6.38
CA TRP B 167 8.52 -9.24 -7.16
C TRP B 167 9.34 -10.29 -6.40
N LEU B 168 9.52 -10.08 -5.09
CA LEU B 168 10.23 -11.08 -4.28
C LEU B 168 9.48 -12.40 -4.27
N THR B 169 8.16 -12.34 -4.24
CA THR B 169 7.36 -13.57 -4.22
C THR B 169 7.47 -14.34 -5.52
N SER B 170 7.38 -13.62 -6.65
CA SER B 170 7.25 -14.30 -7.94
C SER B 170 8.59 -14.78 -8.49
N ASN B 171 9.70 -14.14 -8.11
CA ASN B 171 11.01 -14.46 -8.67
C ASN B 171 11.81 -15.40 -7.79
N TYR B 172 11.15 -16.14 -6.89
CA TYR B 172 11.83 -17.12 -6.06
C TYR B 172 11.70 -18.50 -6.72
N LYS B 173 12.80 -19.00 -7.24
CA LYS B 173 12.81 -20.31 -7.90
C LYS B 173 14.08 -21.08 -7.55
N ASN C 10 -10.16 -17.97 10.58
CA ASN C 10 -10.67 -17.67 9.24
C ASN C 10 -11.99 -16.90 9.32
N LYS C 11 -11.90 -15.58 9.16
CA LYS C 11 -13.05 -14.69 9.16
C LYS C 11 -13.33 -14.21 7.75
N GLU C 12 -14.59 -13.84 7.52
CA GLU C 12 -15.02 -13.35 6.21
C GLU C 12 -15.91 -12.13 6.40
N MET C 13 -15.88 -11.25 5.41
CA MET C 13 -16.68 -10.03 5.42
C MET C 13 -17.02 -9.64 4.00
N ARG C 14 -18.28 -9.29 3.76
CA ARG C 14 -18.75 -8.90 2.44
C ARG C 14 -18.85 -7.38 2.37
N ILE C 15 -18.20 -6.80 1.36
CA ILE C 15 -18.12 -5.36 1.18
C ILE C 15 -18.72 -4.99 -0.16
N LEU C 16 -19.56 -3.96 -0.16
CA LEU C 16 -20.19 -3.44 -1.37
C LEU C 16 -19.62 -2.06 -1.68
N MET C 17 -19.13 -1.89 -2.90
CA MET C 17 -18.55 -0.62 -3.35
C MET C 17 -19.53 0.07 -4.29
N LEU C 18 -19.99 1.26 -3.90
CA LEU C 18 -20.94 2.02 -4.68
C LEU C 18 -20.47 3.47 -4.78
N GLY C 19 -21.04 4.18 -5.74
CA GLY C 19 -20.70 5.58 -5.92
C GLY C 19 -20.96 6.02 -7.34
N LEU C 20 -20.83 7.33 -7.55
CA LEU C 20 -21.00 7.91 -8.86
C LEU C 20 -19.83 7.51 -9.77
N ASP C 21 -19.94 7.88 -11.04
CA ASP C 21 -18.83 7.67 -11.96
C ASP C 21 -17.69 8.62 -11.63
N ALA C 22 -16.52 8.34 -12.20
CA ALA C 22 -15.27 9.03 -11.91
C ALA C 22 -14.85 8.93 -10.45
N ALA C 23 -15.42 7.99 -9.69
CA ALA C 23 -15.03 7.85 -8.29
C ALA C 23 -13.71 7.10 -8.17
N GLY C 24 -13.48 6.13 -9.05
CA GLY C 24 -12.25 5.35 -9.02
C GLY C 24 -12.32 4.08 -8.21
N LYS C 25 -13.48 3.40 -8.22
CA LYS C 25 -13.62 2.19 -7.41
C LYS C 25 -12.80 1.04 -7.99
N THR C 26 -12.79 0.90 -9.31
CA THR C 26 -12.06 -0.19 -9.95
C THR C 26 -10.56 -0.07 -9.70
N THR C 27 -10.03 1.15 -9.79
CA THR C 27 -8.62 1.38 -9.47
C THR C 27 -8.32 0.96 -8.04
N ILE C 28 -9.19 1.31 -7.10
CA ILE C 28 -9.00 0.93 -5.71
C ILE C 28 -8.97 -0.58 -5.56
N LEU C 29 -9.97 -1.27 -6.13
CA LEU C 29 -10.07 -2.71 -5.97
C LEU C 29 -8.87 -3.43 -6.57
N TYR C 30 -8.42 -3.01 -7.75
CA TYR C 30 -7.31 -3.72 -8.38
C TYR C 30 -5.96 -3.32 -7.79
N LYS C 31 -5.83 -2.11 -7.23
CA LYS C 31 -4.63 -1.79 -6.47
C LYS C 31 -4.59 -2.57 -5.17
N LEU C 32 -5.75 -2.91 -4.62
CA LEU C 32 -5.77 -3.77 -3.43
C LEU C 32 -5.40 -5.21 -3.79
N LYS C 33 -5.99 -5.75 -4.86
CA LYS C 33 -5.75 -7.14 -5.20
C LYS C 33 -4.36 -7.35 -5.78
N LEU C 34 -4.05 -6.68 -6.90
CA LEU C 34 -2.81 -6.92 -7.62
C LEU C 34 -1.65 -6.07 -7.13
N GLY C 35 -1.91 -4.92 -6.52
CA GLY C 35 -0.86 -4.01 -6.11
C GLY C 35 -0.36 -3.07 -7.18
N GLN C 36 -0.95 -3.11 -8.38
CA GLN C 36 -0.54 -2.26 -9.48
C GLN C 36 -1.72 -1.42 -9.96
N SER C 37 -1.41 -0.25 -10.50
CA SER C 37 -2.42 0.60 -11.12
C SER C 37 -2.70 0.12 -12.54
N VAL C 38 -3.98 0.13 -12.91
CA VAL C 38 -4.41 -0.39 -14.20
C VAL C 38 -5.26 0.65 -14.92
N THR C 39 -5.25 0.57 -16.25
CA THR C 39 -6.14 1.37 -17.09
C THR C 39 -7.47 0.62 -17.21
N THR C 40 -8.57 1.32 -17.00
CA THR C 40 -9.87 0.70 -16.86
C THR C 40 -10.81 1.10 -18.00
N ILE C 41 -11.72 0.19 -18.33
CA ILE C 41 -12.83 0.45 -19.24
C ILE C 41 -14.10 0.46 -18.40
N PRO C 42 -15.01 1.43 -18.59
CA PRO C 42 -16.17 1.54 -17.72
C PRO C 42 -16.96 0.24 -17.60
N THR C 43 -17.22 -0.17 -16.37
CA THR C 43 -17.92 -1.42 -16.11
C THR C 43 -19.42 -1.24 -16.34
N VAL C 44 -19.99 -2.11 -17.18
CA VAL C 44 -21.42 -2.10 -17.43
C VAL C 44 -22.17 -3.12 -16.58
N GLY C 45 -21.45 -3.88 -15.76
CA GLY C 45 -22.07 -4.84 -14.87
C GLY C 45 -21.51 -4.78 -13.47
N PHE C 46 -20.63 -5.73 -13.12
CA PHE C 46 -20.00 -5.73 -11.81
C PHE C 46 -18.76 -6.62 -11.86
N ASN C 47 -17.84 -6.33 -10.94
CA ASN C 47 -16.62 -7.12 -10.77
C ASN C 47 -16.58 -7.66 -9.34
N VAL C 48 -16.09 -8.89 -9.21
CA VAL C 48 -15.98 -9.55 -7.91
C VAL C 48 -14.53 -10.00 -7.74
N GLU C 49 -13.84 -9.42 -6.75
CA GLU C 49 -12.47 -9.79 -6.43
C GLU C 49 -12.36 -10.06 -4.94
N THR C 50 -11.40 -10.92 -4.58
CA THR C 50 -11.17 -11.30 -3.21
C THR C 50 -9.83 -10.75 -2.73
N VAL C 51 -9.84 -10.05 -1.59
CA VAL C 51 -8.65 -9.46 -1.01
C VAL C 51 -8.51 -9.95 0.42
N THR C 52 -7.40 -10.62 0.72
CA THR C 52 -7.07 -11.05 2.07
C THR C 52 -6.04 -10.10 2.65
N TYR C 53 -6.27 -9.68 3.90
CA TYR C 53 -5.45 -8.64 4.52
C TYR C 53 -4.79 -9.13 5.81
N LYS C 54 -5.50 -9.06 6.93
CA LYS C 54 -4.95 -9.54 8.20
C LYS C 54 -5.25 -11.02 8.41
N ASN C 55 -6.41 -11.33 8.97
CA ASN C 55 -6.89 -12.70 9.09
C ASN C 55 -8.29 -12.86 8.51
N VAL C 56 -8.79 -11.87 7.79
CA VAL C 56 -10.16 -11.83 7.30
C VAL C 56 -10.15 -11.79 5.79
N LYS C 57 -11.04 -12.58 5.17
CA LYS C 57 -11.15 -12.68 3.72
C LYS C 57 -12.27 -11.76 3.24
N PHE C 58 -11.93 -10.80 2.39
CA PHE C 58 -12.86 -9.78 1.93
C PHE C 58 -13.39 -10.14 0.54
N ASN C 59 -14.70 -10.29 0.43
CA ASN C 59 -15.38 -10.46 -0.85
C ASN C 59 -15.95 -9.11 -1.23
N VAL C 60 -15.27 -8.43 -2.15
CA VAL C 60 -15.60 -7.04 -2.51
C VAL C 60 -16.35 -7.05 -3.83
N TRP C 61 -17.49 -6.36 -3.86
CA TRP C 61 -18.34 -6.28 -5.04
C TRP C 61 -18.24 -4.89 -5.64
N ASP C 62 -17.74 -4.81 -6.87
CA ASP C 62 -17.56 -3.55 -7.58
C ASP C 62 -18.70 -3.41 -8.58
N VAL C 63 -19.79 -2.79 -8.14
CA VAL C 63 -20.95 -2.55 -8.99
C VAL C 63 -20.76 -1.22 -9.70
N GLY C 64 -20.98 -1.22 -11.01
CA GLY C 64 -20.70 -0.03 -11.80
C GLY C 64 -21.60 1.13 -11.44
N GLY C 65 -21.08 2.33 -11.61
CA GLY C 65 -21.76 3.56 -11.27
C GLY C 65 -22.30 4.37 -12.44
N GLN C 66 -22.30 3.81 -13.64
CA GLN C 66 -22.87 4.49 -14.78
C GLN C 66 -24.37 4.69 -14.60
N ASP C 67 -24.89 5.78 -15.15
CA ASP C 67 -26.29 6.15 -14.93
C ASP C 67 -27.25 5.09 -15.43
N LYS C 68 -26.87 4.35 -16.48
CA LYS C 68 -27.77 3.37 -17.08
C LYS C 68 -27.92 2.11 -16.25
N ILE C 69 -27.11 1.92 -15.20
CA ILE C 69 -27.17 0.70 -14.39
C ILE C 69 -27.29 1.06 -12.92
N ARG C 70 -27.81 2.25 -12.62
CA ARG C 70 -28.07 2.62 -11.23
C ARG C 70 -29.02 1.65 -10.51
N PRO C 71 -30.12 1.20 -11.12
CA PRO C 71 -31.00 0.24 -10.40
C PRO C 71 -30.35 -1.09 -10.10
N LEU C 72 -29.18 -1.40 -10.69
CA LEU C 72 -28.51 -2.66 -10.41
C LEU C 72 -28.05 -2.77 -8.95
N TRP C 73 -27.90 -1.64 -8.27
CA TRP C 73 -27.42 -1.66 -6.89
C TRP C 73 -28.36 -2.39 -5.95
N ARG C 74 -29.65 -2.48 -6.28
CA ARG C 74 -30.64 -3.06 -5.38
C ARG C 74 -30.44 -4.56 -5.18
N HIS C 75 -29.75 -5.23 -6.09
CA HIS C 75 -29.60 -6.68 -6.02
C HIS C 75 -28.36 -7.12 -5.25
N TYR C 76 -27.59 -6.20 -4.68
CA TYR C 76 -26.39 -6.54 -3.95
C TYR C 76 -26.35 -5.94 -2.55
N TYR C 77 -27.49 -5.46 -2.05
CA TYR C 77 -27.58 -5.04 -0.66
C TYR C 77 -27.61 -6.23 0.29
N THR C 78 -28.16 -7.36 -0.16
CA THR C 78 -28.40 -8.50 0.71
C THR C 78 -27.09 -9.10 1.20
N GLY C 79 -26.95 -9.23 2.52
CA GLY C 79 -25.77 -9.84 3.11
C GLY C 79 -24.58 -8.92 3.26
N THR C 80 -24.75 -7.62 3.07
CA THR C 80 -23.64 -6.69 3.15
C THR C 80 -23.34 -6.33 4.60
N GLN C 81 -22.06 -6.45 4.98
CA GLN C 81 -21.60 -6.02 6.29
C GLN C 81 -21.04 -4.61 6.30
N GLY C 82 -20.38 -4.18 5.23
CA GLY C 82 -19.81 -2.85 5.17
C GLY C 82 -19.95 -2.26 3.78
N LEU C 83 -20.15 -0.95 3.74
CA LEU C 83 -20.33 -0.21 2.50
C LEU C 83 -19.20 0.78 2.34
N ILE C 84 -18.54 0.74 1.17
CA ILE C 84 -17.51 1.71 0.81
C ILE C 84 -18.09 2.64 -0.24
N PHE C 85 -18.34 3.88 0.16
CA PHE C 85 -18.88 4.90 -0.74
C PHE C 85 -17.72 5.76 -1.21
N VAL C 86 -17.28 5.52 -2.45
CA VAL C 86 -16.13 6.21 -3.02
C VAL C 86 -16.58 7.54 -3.61
N VAL C 87 -15.89 8.61 -3.26
CA VAL C 87 -16.24 9.97 -3.67
C VAL C 87 -15.06 10.60 -4.38
N ASP C 88 -15.34 11.23 -5.53
CA ASP C 88 -14.35 12.07 -6.20
C ASP C 88 -14.29 13.39 -5.44
N CYS C 89 -13.23 13.58 -4.65
CA CYS C 89 -13.14 14.75 -3.79
C CYS C 89 -12.85 16.04 -4.55
N ALA C 90 -12.59 15.96 -5.86
CA ALA C 90 -12.42 17.16 -6.68
C ALA C 90 -13.64 17.47 -7.53
N ASP C 91 -14.62 16.57 -7.59
CA ASP C 91 -15.83 16.77 -8.37
C ASP C 91 -16.89 17.47 -7.51
N ARG C 92 -16.65 18.76 -7.26
CA ARG C 92 -17.54 19.54 -6.41
C ARG C 92 -18.92 19.72 -7.03
N ASP C 93 -19.03 19.58 -8.36
CA ASP C 93 -20.28 19.87 -9.03
C ASP C 93 -21.35 18.81 -8.81
N ARG C 94 -20.98 17.61 -8.33
CA ARG C 94 -21.92 16.51 -8.18
C ARG C 94 -21.92 15.94 -6.76
N ILE C 95 -21.40 16.69 -5.78
CA ILE C 95 -21.40 16.23 -4.41
C ILE C 95 -22.82 16.15 -3.86
N ASP C 96 -23.73 16.96 -4.39
CA ASP C 96 -25.13 16.88 -3.97
C ASP C 96 -25.75 15.54 -4.39
N GLU C 97 -25.51 15.14 -5.65
CA GLU C 97 -25.99 13.83 -6.10
C GLU C 97 -25.32 12.71 -5.32
N ALA C 98 -24.04 12.88 -4.98
CA ALA C 98 -23.36 11.89 -4.16
C ALA C 98 -24.04 11.75 -2.80
N ARG C 99 -24.37 12.88 -2.16
CA ARG C 99 -25.07 12.85 -0.88
C ARG C 99 -26.43 12.16 -1.00
N GLN C 100 -27.19 12.52 -2.04
CA GLN C 100 -28.49 11.91 -2.26
C GLN C 100 -28.37 10.40 -2.39
N GLU C 101 -27.42 9.94 -3.20
CA GLU C 101 -27.25 8.50 -3.42
C GLU C 101 -26.82 7.79 -2.14
N LEU C 102 -25.89 8.38 -1.40
CA LEU C 102 -25.45 7.78 -0.14
C LEU C 102 -26.63 7.61 0.82
N HIS C 103 -27.45 8.64 0.97
CA HIS C 103 -28.54 8.56 1.94
C HIS C 103 -29.68 7.69 1.43
N ARG C 104 -29.83 7.56 0.11
CA ARG C 104 -30.79 6.59 -0.42
C ARG C 104 -30.32 5.17 -0.18
N ILE C 105 -29.01 4.93 -0.24
CA ILE C 105 -28.48 3.59 -0.01
C ILE C 105 -28.62 3.20 1.46
N ILE C 106 -28.08 4.04 2.36
CA ILE C 106 -27.93 3.63 3.75
C ILE C 106 -29.24 3.59 4.53
N ASN C 107 -30.31 4.19 4.01
CA ASN C 107 -31.59 4.23 4.71
C ASN C 107 -32.54 3.13 4.24
N ASP C 108 -32.06 2.16 3.48
CA ASP C 108 -32.87 1.01 3.13
C ASP C 108 -32.98 0.07 4.33
N ARG C 109 -33.85 -0.94 4.21
CA ARG C 109 -34.05 -1.87 5.31
C ARG C 109 -32.89 -2.86 5.45
N GLU C 110 -32.28 -3.26 4.33
CA GLU C 110 -31.21 -4.25 4.38
C GLU C 110 -29.88 -3.63 4.78
N MET C 111 -29.63 -2.38 4.40
CA MET C 111 -28.35 -1.72 4.67
C MET C 111 -28.29 -1.04 6.02
N ARG C 112 -29.25 -1.33 6.92
CA ARG C 112 -29.25 -0.67 8.22
C ARG C 112 -28.06 -1.08 9.08
N ASP C 113 -27.61 -2.33 8.97
CA ASP C 113 -26.52 -2.84 9.76
C ASP C 113 -25.16 -2.68 9.10
N ALA C 114 -25.09 -1.96 7.97
CA ALA C 114 -23.85 -1.85 7.23
C ALA C 114 -22.98 -0.74 7.78
N ILE C 115 -21.67 -0.96 7.76
CA ILE C 115 -20.69 0.04 8.17
C ILE C 115 -20.42 0.96 6.98
N ILE C 116 -20.37 2.27 7.24
CA ILE C 116 -20.24 3.28 6.21
C ILE C 116 -18.82 3.80 6.23
N LEU C 117 -18.07 3.54 5.16
CA LEU C 117 -16.73 4.10 4.99
C LEU C 117 -16.73 5.03 3.78
N ILE C 118 -16.51 6.32 4.03
CA ILE C 118 -16.41 7.30 2.95
C ILE C 118 -14.95 7.36 2.51
N PHE C 119 -14.72 7.04 1.24
CA PHE C 119 -13.37 6.96 0.67
C PHE C 119 -13.18 8.13 -0.29
N ALA C 120 -12.56 9.20 0.21
CA ALA C 120 -12.32 10.41 -0.58
C ALA C 120 -11.09 10.19 -1.45
N ASN C 121 -11.30 9.97 -2.74
CA ASN C 121 -10.21 9.67 -3.66
C ASN C 121 -9.77 10.94 -4.38
N LYS C 122 -8.60 10.87 -5.01
CA LYS C 122 -8.04 11.96 -5.82
C LYS C 122 -7.70 13.17 -4.95
N GLN C 123 -7.00 12.92 -3.85
CA GLN C 123 -6.56 14.00 -2.97
C GLN C 123 -5.41 14.81 -3.55
N ASP C 124 -4.73 14.30 -4.58
CA ASP C 124 -3.58 14.99 -5.16
C ASP C 124 -3.98 16.11 -6.13
N LEU C 125 -5.26 16.22 -6.46
CA LEU C 125 -5.68 17.20 -7.46
C LEU C 125 -5.63 18.62 -6.87
N PRO C 126 -5.41 19.63 -7.73
CA PRO C 126 -5.23 20.99 -7.21
C PRO C 126 -6.44 21.55 -6.47
N ASP C 127 -7.64 21.11 -6.82
CA ASP C 127 -8.88 21.59 -6.20
C ASP C 127 -9.55 20.49 -5.38
N ALA C 128 -8.75 19.68 -4.69
CA ALA C 128 -9.29 18.58 -3.91
C ALA C 128 -9.96 19.08 -2.64
N MET C 129 -11.11 18.48 -2.32
CA MET C 129 -11.82 18.83 -1.08
C MET C 129 -11.31 17.98 0.07
N LYS C 130 -11.23 18.59 1.25
CA LYS C 130 -10.72 17.93 2.43
C LYS C 130 -11.82 17.10 3.09
N PRO C 131 -11.45 16.13 3.94
CA PRO C 131 -12.47 15.27 4.56
C PRO C 131 -13.51 16.03 5.37
N HIS C 132 -13.17 17.17 5.97
CA HIS C 132 -14.16 17.91 6.74
C HIS C 132 -15.21 18.54 5.85
N GLU C 133 -14.77 19.21 4.77
CA GLU C 133 -15.73 19.74 3.80
C GLU C 133 -16.58 18.64 3.21
N ILE C 134 -16.05 17.42 3.09
CA ILE C 134 -16.81 16.32 2.53
C ILE C 134 -17.85 15.82 3.54
N GLN C 135 -17.48 15.72 4.81
CA GLN C 135 -18.46 15.35 5.83
C GLN C 135 -19.54 16.42 5.96
N GLU C 136 -19.21 17.67 5.64
CA GLU C 136 -20.24 18.71 5.58
C GLU C 136 -21.15 18.51 4.38
N LYS C 137 -20.57 18.28 3.20
CA LYS C 137 -21.36 18.20 1.98
C LYS C 137 -22.19 16.92 1.91
N LEU C 138 -21.69 15.83 2.50
CA LEU C 138 -22.42 14.56 2.47
C LEU C 138 -23.46 14.44 3.58
N GLY C 139 -23.51 15.39 4.51
CA GLY C 139 -24.43 15.30 5.62
C GLY C 139 -24.18 14.11 6.53
N LEU C 140 -22.90 13.77 6.76
CA LEU C 140 -22.58 12.61 7.57
C LEU C 140 -22.90 12.80 9.04
N THR C 141 -23.04 14.04 9.50
CA THR C 141 -23.41 14.29 10.89
C THR C 141 -24.83 13.85 11.21
N ARG C 142 -25.63 13.50 10.20
CA ARG C 142 -26.96 12.97 10.41
C ARG C 142 -26.97 11.46 10.63
N ILE C 143 -25.83 10.80 10.48
CA ILE C 143 -25.70 9.37 10.72
C ILE C 143 -25.22 9.18 12.16
N ARG C 144 -26.11 8.71 13.03
CA ARG C 144 -25.81 8.60 14.45
C ARG C 144 -26.14 7.22 15.03
N ASP C 145 -26.46 6.23 14.19
CA ASP C 145 -26.85 4.91 14.66
C ASP C 145 -25.86 3.83 14.26
N ARG C 146 -24.73 4.19 13.67
CA ARG C 146 -23.76 3.22 13.20
C ARG C 146 -22.40 3.89 13.07
N ASN C 147 -21.37 3.06 12.90
CA ASN C 147 -20.01 3.57 12.76
C ASN C 147 -19.78 4.09 11.36
N TRP C 148 -19.06 5.21 11.25
CA TRP C 148 -18.66 5.73 9.96
C TRP C 148 -17.34 6.49 10.10
N TYR C 149 -16.70 6.71 8.96
CA TYR C 149 -15.35 7.25 8.90
C TYR C 149 -15.08 7.77 7.51
N VAL C 150 -14.21 8.78 7.41
CA VAL C 150 -13.80 9.36 6.14
C VAL C 150 -12.29 9.21 6.02
N GLN C 151 -11.84 8.59 4.93
CA GLN C 151 -10.42 8.34 4.70
C GLN C 151 -9.97 8.99 3.41
N PRO C 152 -9.15 10.05 3.46
CA PRO C 152 -8.59 10.60 2.22
C PRO C 152 -7.59 9.65 1.60
N SER C 153 -7.49 9.69 0.28
CA SER C 153 -6.68 8.69 -0.41
C SER C 153 -6.24 9.22 -1.77
N CYS C 154 -5.21 8.55 -2.31
CA CYS C 154 -4.75 8.73 -3.69
C CYS C 154 -4.58 7.33 -4.25
N ALA C 155 -5.57 6.88 -5.04
CA ALA C 155 -5.67 5.48 -5.39
C ALA C 155 -4.54 5.01 -6.30
N THR C 156 -4.03 5.88 -7.18
CA THR C 156 -2.99 5.47 -8.11
C THR C 156 -1.70 5.09 -7.40
N SER C 157 -1.45 5.67 -6.23
CA SER C 157 -0.29 5.31 -5.42
C SER C 157 -0.61 4.33 -4.31
N GLY C 158 -1.89 4.09 -4.03
CA GLY C 158 -2.26 3.25 -2.91
C GLY C 158 -2.23 3.93 -1.57
N ASP C 159 -2.18 5.26 -1.55
CA ASP C 159 -2.08 6.03 -0.31
C ASP C 159 -3.41 5.96 0.44
N GLY C 160 -3.45 5.16 1.51
CA GLY C 160 -4.59 5.13 2.39
C GLY C 160 -5.56 3.98 2.18
N LEU C 161 -5.30 3.08 1.23
CA LEU C 161 -6.20 1.95 1.01
C LEU C 161 -6.19 1.01 2.21
N TYR C 162 -5.01 0.54 2.60
CA TYR C 162 -4.92 -0.48 3.64
C TYR C 162 -5.28 0.07 5.01
N GLU C 163 -5.11 1.38 5.23
CA GLU C 163 -5.55 1.96 6.49
C GLU C 163 -7.08 1.95 6.59
N GLY C 164 -7.77 2.27 5.49
CA GLY C 164 -9.22 2.15 5.49
C GLY C 164 -9.68 0.71 5.62
N LEU C 165 -8.95 -0.22 5.01
CA LEU C 165 -9.29 -1.64 5.17
C LEU C 165 -9.09 -2.08 6.62
N THR C 166 -8.04 -1.59 7.27
CA THR C 166 -7.83 -1.87 8.68
C THR C 166 -8.97 -1.32 9.53
N TRP C 167 -9.41 -0.09 9.21
CA TRP C 167 -10.53 0.48 9.95
C TRP C 167 -11.79 -0.36 9.77
N LEU C 168 -12.04 -0.84 8.55
CA LEU C 168 -13.19 -1.71 8.33
C LEU C 168 -13.05 -3.00 9.12
N THR C 169 -11.83 -3.52 9.24
CA THR C 169 -11.62 -4.76 9.97
C THR C 169 -11.85 -4.57 11.47
N SER C 170 -11.34 -3.48 12.03
CA SER C 170 -11.35 -3.32 13.48
C SER C 170 -12.68 -2.81 14.02
N ASN C 171 -13.47 -2.12 13.21
CA ASN C 171 -14.73 -1.53 13.68
C ASN C 171 -15.95 -2.37 13.35
N TYR C 172 -15.76 -3.67 13.10
CA TYR C 172 -16.85 -4.60 12.86
C TYR C 172 -17.19 -5.31 14.17
N LYS C 173 -18.32 -4.97 14.75
CA LYS C 173 -18.76 -5.59 16.00
C LYS C 173 -20.26 -5.86 15.98
N ASN D 10 -11.04 -12.62 33.77
CA ASN D 10 -11.39 -11.85 32.58
C ASN D 10 -12.32 -10.69 32.93
N LYS D 11 -11.75 -9.49 33.05
CA LYS D 11 -12.51 -8.28 33.34
C LYS D 11 -12.63 -7.43 32.08
N GLU D 12 -13.69 -6.62 32.04
CA GLU D 12 -13.95 -5.75 30.90
C GLU D 12 -14.36 -4.38 31.39
N MET D 13 -14.05 -3.36 30.60
CA MET D 13 -14.38 -1.99 30.95
C MET D 13 -14.49 -1.17 29.67
N ARG D 14 -15.54 -0.35 29.59
CA ARG D 14 -15.79 0.50 28.42
C ARG D 14 -15.34 1.92 28.75
N ILE D 15 -14.49 2.47 27.89
CA ILE D 15 -13.90 3.79 28.10
C ILE D 15 -14.22 4.68 26.91
N LEU D 16 -14.66 5.90 27.19
CA LEU D 16 -14.96 6.90 26.16
C LEU D 16 -13.94 8.02 26.25
N MET D 17 -13.30 8.33 25.12
CA MET D 17 -12.30 9.38 25.05
C MET D 17 -12.90 10.61 24.38
N LEU D 18 -12.98 11.71 25.13
CA LEU D 18 -13.52 12.96 24.63
C LEU D 18 -12.54 14.09 24.87
N GLY D 19 -12.65 15.13 24.06
CA GLY D 19 -11.76 16.26 24.20
C GLY D 19 -11.89 17.18 22.99
N LEU D 20 -11.16 18.30 23.09
CA LEU D 20 -11.13 19.29 22.03
C LEU D 20 -10.14 18.87 20.94
N ASP D 21 -9.99 19.73 19.93
CA ASP D 21 -8.99 19.49 18.90
C ASP D 21 -7.59 19.66 19.47
N ALA D 22 -6.61 19.04 18.81
CA ALA D 22 -5.21 19.06 19.23
C ALA D 22 -5.01 18.45 20.61
N ALA D 23 -5.96 17.64 21.08
CA ALA D 23 -5.81 17.01 22.38
C ALA D 23 -4.81 15.86 22.34
N GLY D 24 -4.80 15.11 21.24
CA GLY D 24 -3.90 13.99 21.10
C GLY D 24 -4.49 12.63 21.46
N LYS D 25 -5.81 12.47 21.37
CA LYS D 25 -6.42 11.20 21.77
C LYS D 25 -5.98 10.06 20.86
N THR D 26 -5.88 10.32 19.56
CA THR D 26 -5.48 9.29 18.61
C THR D 26 -4.07 8.78 18.90
N THR D 27 -3.14 9.70 19.19
CA THR D 27 -1.78 9.30 19.50
C THR D 27 -1.73 8.46 20.78
N ILE D 28 -2.52 8.84 21.79
CA ILE D 28 -2.58 8.07 23.03
C ILE D 28 -3.08 6.66 22.76
N LEU D 29 -4.19 6.55 22.02
CA LEU D 29 -4.77 5.24 21.75
C LEU D 29 -3.81 4.37 20.95
N TYR D 30 -3.11 4.96 19.98
CA TYR D 30 -2.20 4.16 19.16
C TYR D 30 -0.94 3.79 19.92
N LYS D 31 -0.47 4.65 20.84
CA LYS D 31 0.64 4.26 21.70
C LYS D 31 0.25 3.14 22.65
N LEU D 32 -1.01 3.14 23.10
CA LEU D 32 -1.46 2.05 23.96
C LEU D 32 -1.63 0.75 23.18
N LYS D 33 -2.16 0.82 21.97
CA LYS D 33 -2.48 -0.38 21.21
C LYS D 33 -1.25 -0.99 20.55
N LEU D 34 -0.48 -0.17 19.83
CA LEU D 34 0.66 -0.65 19.06
C LEU D 34 1.98 -0.58 19.82
N GLY D 35 2.08 0.27 20.83
CA GLY D 35 3.35 0.50 21.49
C GLY D 35 4.31 1.36 20.71
N GLN D 36 3.86 2.02 19.64
CA GLN D 36 4.71 2.82 18.79
C GLN D 36 3.96 4.07 18.36
N SER D 37 4.63 5.22 18.45
CA SER D 37 4.02 6.47 17.99
C SER D 37 3.88 6.46 16.48
N VAL D 38 2.73 6.92 15.99
CA VAL D 38 2.41 6.88 14.57
C VAL D 38 2.02 8.28 14.09
N THR D 39 2.19 8.48 12.79
CA THR D 39 1.69 9.69 12.15
C THR D 39 0.18 9.58 11.96
N THR D 40 -0.53 10.64 12.34
CA THR D 40 -1.98 10.60 12.40
C THR D 40 -2.60 11.60 11.42
N ILE D 41 -3.76 11.24 10.91
CA ILE D 41 -4.60 12.14 10.12
C ILE D 41 -5.81 12.51 10.99
N PRO D 42 -6.17 13.78 11.10
CA PRO D 42 -7.29 14.17 11.97
C PRO D 42 -8.58 13.47 11.54
N THR D 43 -9.19 12.74 12.47
CA THR D 43 -10.42 12.04 12.15
C THR D 43 -11.60 12.99 12.14
N VAL D 44 -12.57 12.69 11.28
CA VAL D 44 -13.87 13.34 11.32
C VAL D 44 -14.97 12.37 11.72
N GLY D 45 -14.71 11.07 11.67
CA GLY D 45 -15.60 10.08 12.24
C GLY D 45 -15.10 9.63 13.59
N PHE D 46 -14.94 8.33 13.79
CA PHE D 46 -14.43 7.82 15.06
C PHE D 46 -13.92 6.39 14.87
N ASN D 47 -13.10 5.96 15.84
CA ASN D 47 -12.53 4.63 15.87
C ASN D 47 -12.97 3.91 17.13
N VAL D 48 -12.95 2.58 17.07
CA VAL D 48 -13.20 1.72 18.22
C VAL D 48 -12.08 0.68 18.26
N GLU D 49 -11.29 0.68 19.34
CA GLU D 49 -10.12 -0.16 19.45
C GLU D 49 -10.13 -0.87 20.80
N THR D 50 -9.53 -2.05 20.83
CA THR D 50 -9.44 -2.88 22.03
C THR D 50 -7.99 -2.93 22.51
N VAL D 51 -7.78 -2.64 23.80
CA VAL D 51 -6.46 -2.64 24.41
C VAL D 51 -6.50 -3.53 25.64
N THR D 52 -5.64 -4.54 25.67
CA THR D 52 -5.48 -5.41 26.82
C THR D 52 -4.19 -5.03 27.55
N TYR D 53 -4.30 -4.81 28.87
CA TYR D 53 -3.16 -4.30 29.64
C TYR D 53 -2.76 -5.27 30.74
N LYS D 54 -3.54 -5.40 31.82
CA LYS D 54 -3.19 -6.24 32.95
C LYS D 54 -3.98 -7.54 32.92
N ASN D 55 -5.19 -7.52 33.47
CA ASN D 55 -6.13 -8.63 33.35
C ASN D 55 -7.48 -8.17 32.84
N VAL D 56 -7.58 -6.93 32.36
CA VAL D 56 -8.84 -6.31 32.00
C VAL D 56 -8.78 -5.88 30.54
N LYS D 57 -9.86 -6.15 29.81
CA LYS D 57 -9.96 -5.82 28.40
C LYS D 57 -10.67 -4.47 28.25
N PHE D 58 -10.00 -3.53 27.60
CA PHE D 58 -10.50 -2.16 27.46
C PHE D 58 -11.06 -1.95 26.06
N ASN D 59 -12.34 -1.60 25.98
CA ASN D 59 -12.98 -1.20 24.73
C ASN D 59 -13.03 0.32 24.71
N VAL D 60 -12.16 0.93 23.92
CA VAL D 60 -11.95 2.38 23.92
C VAL D 60 -12.59 2.98 22.69
N TRP D 61 -13.33 4.07 22.87
CA TRP D 61 -13.99 4.79 21.78
C TRP D 61 -13.27 6.11 21.55
N ASP D 62 -12.85 6.34 20.30
CA ASP D 62 -12.03 7.49 19.92
C ASP D 62 -12.84 8.34 18.96
N VAL D 63 -13.54 9.34 19.49
CA VAL D 63 -14.44 10.19 18.71
C VAL D 63 -13.74 11.53 18.47
N GLY D 64 -13.88 12.05 17.25
CA GLY D 64 -13.26 13.31 16.92
C GLY D 64 -13.85 14.47 17.71
N GLY D 65 -13.11 15.58 17.72
CA GLY D 65 -13.47 16.71 18.56
C GLY D 65 -13.74 18.00 17.82
N GLN D 66 -14.02 17.93 16.52
CA GLN D 66 -14.38 19.13 15.79
C GLN D 66 -15.72 19.67 16.29
N ASP D 67 -15.94 20.96 16.07
CA ASP D 67 -17.16 21.60 16.58
C ASP D 67 -18.41 21.02 15.92
N LYS D 68 -18.32 20.65 14.65
CA LYS D 68 -19.49 20.16 13.92
C LYS D 68 -19.87 18.74 14.29
N ILE D 69 -19.04 18.02 15.04
CA ILE D 69 -19.32 16.65 15.43
C ILE D 69 -19.41 16.50 16.94
N ARG D 70 -19.43 17.60 17.68
CA ARG D 70 -19.67 17.53 19.13
C ARG D 70 -21.00 16.88 19.48
N PRO D 71 -22.12 17.16 18.82
CA PRO D 71 -23.38 16.49 19.20
C PRO D 71 -23.35 14.99 19.06
N LEU D 72 -22.42 14.43 18.28
CA LEU D 72 -22.33 12.98 18.15
C LEU D 72 -21.89 12.31 19.46
N TRP D 73 -21.33 13.06 20.40
CA TRP D 73 -20.86 12.47 21.64
C TRP D 73 -22.00 11.90 22.47
N ARG D 74 -23.19 12.51 22.38
CA ARG D 74 -24.32 12.08 23.21
C ARG D 74 -24.80 10.67 22.87
N HIS D 75 -24.49 10.16 21.69
CA HIS D 75 -24.95 8.85 21.28
C HIS D 75 -23.96 7.74 21.62
N TYR D 76 -22.91 8.05 22.38
CA TYR D 76 -21.95 7.05 22.84
C TYR D 76 -21.71 7.14 24.34
N TYR D 77 -22.58 7.86 25.08
CA TYR D 77 -22.47 7.89 26.54
C TYR D 77 -22.93 6.58 27.16
N THR D 78 -23.84 5.88 26.49
CA THR D 78 -24.53 4.74 27.11
C THR D 78 -23.55 3.63 27.46
N GLY D 79 -23.58 3.21 28.72
CA GLY D 79 -22.75 2.11 29.19
C GLY D 79 -21.34 2.48 29.57
N THR D 80 -21.04 3.77 29.71
CA THR D 80 -19.68 4.18 30.01
C THR D 80 -19.33 3.90 31.47
N GLN D 81 -18.21 3.23 31.69
CA GLN D 81 -17.66 3.02 33.02
C GLN D 81 -16.61 4.06 33.39
N GLY D 82 -15.80 4.50 32.42
CA GLY D 82 -14.79 5.51 32.68
C GLY D 82 -14.66 6.50 31.54
N LEU D 83 -14.40 7.76 31.87
CA LEU D 83 -14.26 8.83 30.89
C LEU D 83 -12.83 9.37 30.93
N ILE D 84 -12.18 9.38 29.79
CA ILE D 84 -10.85 9.96 29.65
C ILE D 84 -11.01 11.29 28.92
N PHE D 85 -10.84 12.40 29.65
CA PHE D 85 -10.92 13.74 29.08
C PHE D 85 -9.50 14.22 28.83
N VAL D 86 -9.12 14.28 27.56
CA VAL D 86 -7.76 14.65 27.17
C VAL D 86 -7.70 16.14 26.93
N VAL D 87 -6.75 16.81 27.59
CA VAL D 87 -6.60 18.26 27.54
C VAL D 87 -5.20 18.58 27.04
N ASP D 88 -5.13 19.48 26.06
CA ASP D 88 -3.85 20.06 25.65
C ASP D 88 -3.38 21.00 26.76
N CYS D 89 -2.41 20.54 27.55
CA CYS D 89 -1.95 21.30 28.71
C CYS D 89 -1.19 22.57 28.33
N ALA D 90 -0.93 22.80 27.05
CA ALA D 90 -0.27 24.04 26.61
C ALA D 90 -1.26 25.06 26.05
N ASP D 91 -2.49 24.65 25.75
CA ASP D 91 -3.52 25.56 25.24
C ASP D 91 -4.18 26.26 26.41
N ARG D 92 -3.47 27.25 26.96
CA ARG D 92 -4.02 28.02 28.07
C ARG D 92 -5.18 28.91 27.63
N ASP D 93 -5.21 29.30 26.34
CA ASP D 93 -6.22 30.23 25.87
C ASP D 93 -7.61 29.59 25.86
N ARG D 94 -7.70 28.28 25.61
CA ARG D 94 -8.98 27.61 25.40
C ARG D 94 -9.29 26.57 26.48
N ILE D 95 -8.65 26.66 27.64
CA ILE D 95 -8.97 25.69 28.70
C ILE D 95 -10.35 25.97 29.28
N ASP D 96 -10.88 27.18 29.12
CA ASP D 96 -12.22 27.47 29.58
C ASP D 96 -13.26 26.72 28.75
N GLU D 97 -13.03 26.58 27.44
CA GLU D 97 -13.93 25.78 26.62
C GLU D 97 -13.91 24.32 27.05
N ALA D 98 -12.72 23.79 27.37
CA ALA D 98 -12.62 22.43 27.88
C ALA D 98 -13.35 22.28 29.20
N ARG D 99 -13.27 23.29 30.07
CA ARG D 99 -14.01 23.27 31.33
C ARG D 99 -15.51 23.21 31.08
N GLN D 100 -16.02 24.09 30.21
CA GLN D 100 -17.43 24.09 29.87
C GLN D 100 -17.88 22.74 29.34
N GLU D 101 -17.12 22.17 28.41
CA GLU D 101 -17.52 20.91 27.80
C GLU D 101 -17.45 19.76 28.80
N LEU D 102 -16.42 19.73 29.64
CA LEU D 102 -16.32 18.69 30.65
C LEU D 102 -17.48 18.75 31.63
N HIS D 103 -17.86 19.96 32.06
CA HIS D 103 -18.98 20.07 32.99
C HIS D 103 -20.31 19.76 32.31
N ARG D 104 -20.42 20.03 31.00
CA ARG D 104 -21.62 19.62 30.28
C ARG D 104 -21.69 18.11 30.12
N ILE D 105 -20.54 17.44 30.02
CA ILE D 105 -20.52 15.99 29.87
C ILE D 105 -20.86 15.32 31.19
N ILE D 106 -20.10 15.65 32.25
CA ILE D 106 -20.18 14.88 33.49
C ILE D 106 -21.44 15.13 34.29
N ASN D 107 -22.19 16.20 33.99
CA ASN D 107 -23.42 16.49 34.69
C ASN D 107 -24.66 15.97 33.96
N ASP D 108 -24.49 15.12 32.95
CA ASP D 108 -25.61 14.51 32.27
C ASP D 108 -26.11 13.32 33.08
N ARG D 109 -27.20 12.71 32.63
CA ARG D 109 -27.80 11.61 33.39
C ARG D 109 -27.02 10.32 33.25
N GLU D 110 -26.51 10.04 32.05
CA GLU D 110 -25.87 8.74 31.80
C GLU D 110 -24.43 8.72 32.28
N MET D 111 -23.71 9.85 32.17
CA MET D 111 -22.30 9.93 32.51
C MET D 111 -22.05 10.23 33.99
N ARG D 112 -23.09 10.19 34.83
CA ARG D 112 -22.93 10.57 36.22
C ARG D 112 -22.08 9.57 37.00
N ASP D 113 -22.10 8.30 36.60
CA ASP D 113 -21.44 7.22 37.34
C ASP D 113 -20.10 6.82 36.74
N ALA D 114 -19.56 7.61 35.81
CA ALA D 114 -18.31 7.29 35.16
C ALA D 114 -17.12 7.80 35.96
N ILE D 115 -16.03 7.03 35.92
CA ILE D 115 -14.78 7.45 36.54
C ILE D 115 -14.10 8.45 35.61
N ILE D 116 -13.69 9.58 36.16
CA ILE D 116 -13.16 10.70 35.37
C ILE D 116 -11.65 10.72 35.51
N LEU D 117 -10.95 10.59 34.38
CA LEU D 117 -9.50 10.72 34.32
C LEU D 117 -9.16 11.90 33.43
N ILE D 118 -8.56 12.92 34.01
CA ILE D 118 -8.11 14.10 33.26
C ILE D 118 -6.70 13.83 32.77
N PHE D 119 -6.54 13.81 31.45
CA PHE D 119 -5.28 13.41 30.81
C PHE D 119 -4.65 14.64 30.16
N ALA D 120 -3.73 15.28 30.88
CA ALA D 120 -3.03 16.46 30.39
C ALA D 120 -1.89 16.04 29.49
N ASN D 121 -2.09 16.16 28.18
CA ASN D 121 -1.11 15.73 27.21
C ASN D 121 -0.20 16.88 26.80
N LYS D 122 0.89 16.55 26.11
CA LYS D 122 1.88 17.52 25.64
C LYS D 122 2.55 18.25 26.81
N GLN D 123 2.94 17.48 27.83
CA GLN D 123 3.53 18.06 29.02
C GLN D 123 4.94 18.60 28.78
N ASP D 124 5.60 18.16 27.71
CA ASP D 124 6.97 18.55 27.45
C ASP D 124 7.08 19.86 26.66
N LEU D 125 5.97 20.52 26.39
CA LEU D 125 6.01 21.78 25.65
C LEU D 125 6.54 22.90 26.55
N PRO D 126 7.21 23.90 25.97
CA PRO D 126 7.87 24.91 26.81
C PRO D 126 6.93 25.75 27.66
N ASP D 127 5.68 25.92 27.24
CA ASP D 127 4.70 26.69 27.99
C ASP D 127 3.57 25.81 28.51
N ALA D 128 3.92 24.58 28.91
CA ALA D 128 2.92 23.63 29.37
C ALA D 128 2.42 24.01 30.77
N MET D 129 1.12 23.80 31.00
CA MET D 129 0.54 24.05 32.30
C MET D 129 0.73 22.82 33.20
N LYS D 130 0.81 23.08 34.49
CA LYS D 130 1.02 22.03 35.49
C LYS D 130 -0.32 21.51 35.99
N PRO D 131 -0.36 20.26 36.49
CA PRO D 131 -1.65 19.67 36.89
C PRO D 131 -2.42 20.45 37.93
N HIS D 132 -1.74 21.18 38.82
CA HIS D 132 -2.46 21.99 39.80
C HIS D 132 -3.20 23.14 39.13
N GLU D 133 -2.51 23.84 38.21
CA GLU D 133 -3.17 24.88 37.44
C GLU D 133 -4.36 24.32 36.66
N ILE D 134 -4.24 23.08 36.17
CA ILE D 134 -5.32 22.48 35.40
C ILE D 134 -6.51 22.15 36.31
N GLN D 135 -6.23 21.65 37.52
CA GLN D 135 -7.29 21.46 38.50
C GLN D 135 -8.01 22.76 38.78
N GLU D 136 -7.26 23.85 38.95
CA GLU D 136 -7.90 25.13 39.27
C GLU D 136 -8.70 25.67 38.09
N LYS D 137 -8.19 25.49 36.87
CA LYS D 137 -8.86 26.06 35.71
C LYS D 137 -10.12 25.26 35.34
N LEU D 138 -10.04 23.94 35.40
CA LEU D 138 -11.19 23.10 35.05
C LEU D 138 -12.29 23.10 36.11
N GLY D 139 -12.03 23.67 37.28
CA GLY D 139 -13.02 23.65 38.34
C GLY D 139 -13.20 22.32 39.02
N LEU D 140 -12.24 21.41 38.89
CA LEU D 140 -12.33 20.09 39.52
C LEU D 140 -12.25 20.19 41.05
N THR D 141 -11.70 21.29 41.57
CA THR D 141 -11.63 21.49 43.01
C THR D 141 -13.02 21.65 43.64
N ARG D 142 -14.06 21.85 42.84
CA ARG D 142 -15.42 21.99 43.34
C ARG D 142 -16.25 20.73 43.13
N ILE D 143 -15.64 19.65 42.65
CA ILE D 143 -16.31 18.38 42.43
C ILE D 143 -16.02 17.48 43.62
N ARG D 144 -17.03 17.21 44.43
CA ARG D 144 -16.87 16.44 45.66
C ARG D 144 -17.76 15.20 45.69
N ASP D 145 -18.39 14.84 44.57
CA ASP D 145 -19.38 13.76 44.55
C ASP D 145 -18.95 12.58 43.70
N ARG D 146 -17.68 12.50 43.29
CA ARG D 146 -17.23 11.41 42.43
C ARG D 146 -15.71 11.34 42.49
N ASN D 147 -15.18 10.26 41.92
CA ASN D 147 -13.74 10.04 41.86
C ASN D 147 -13.17 10.64 40.58
N TRP D 148 -12.11 11.42 40.71
CA TRP D 148 -11.43 12.01 39.57
C TRP D 148 -9.95 12.17 39.91
N TYR D 149 -9.14 12.41 38.88
CA TYR D 149 -7.69 12.42 39.03
C TYR D 149 -7.06 13.07 37.82
N VAL D 150 -6.14 13.99 38.06
CA VAL D 150 -5.44 14.71 37.01
C VAL D 150 -4.04 14.13 36.89
N GLN D 151 -3.58 13.96 35.64
CA GLN D 151 -2.30 13.32 35.40
C GLN D 151 -1.61 13.92 34.18
N PRO D 152 -0.36 14.36 34.30
CA PRO D 152 0.38 14.81 33.12
C PRO D 152 0.84 13.61 32.30
N SER D 153 1.08 13.87 31.01
CA SER D 153 1.43 12.78 30.11
C SER D 153 2.16 13.32 28.88
N CYS D 154 2.86 12.41 28.21
CA CYS D 154 3.50 12.67 26.93
C CYS D 154 3.20 11.45 26.04
N ALA D 155 2.25 11.62 25.13
CA ALA D 155 1.73 10.47 24.37
C ALA D 155 2.78 9.87 23.45
N THR D 156 3.69 10.69 22.93
CA THR D 156 4.68 10.19 21.97
C THR D 156 5.70 9.28 22.62
N SER D 157 5.80 9.28 23.95
CA SER D 157 6.74 8.41 24.66
C SER D 157 6.08 7.40 25.57
N GLY D 158 4.76 7.43 25.72
CA GLY D 158 4.09 6.57 26.67
C GLY D 158 4.18 7.03 28.10
N ASP D 159 4.55 8.29 28.33
CA ASP D 159 4.70 8.82 29.69
C ASP D 159 3.33 8.98 30.34
N GLY D 160 3.11 8.24 31.43
CA GLY D 160 1.89 8.36 32.19
C GLY D 160 0.68 7.67 31.61
N LEU D 161 0.79 7.06 30.43
CA LEU D 161 -0.36 6.36 29.84
C LEU D 161 -0.69 5.09 30.62
N TYR D 162 0.31 4.23 30.84
CA TYR D 162 0.07 3.00 31.59
C TYR D 162 -0.25 3.30 33.06
N GLU D 163 0.32 4.37 33.62
CA GLU D 163 -0.02 4.73 34.99
C GLU D 163 -1.48 5.17 35.10
N GLY D 164 -1.96 5.94 34.13
CA GLY D 164 -3.36 6.33 34.13
C GLY D 164 -4.29 5.14 33.90
N LEU D 165 -3.87 4.21 33.03
CA LEU D 165 -4.65 3.00 32.83
C LEU D 165 -4.71 2.18 34.11
N THR D 166 -3.60 2.13 34.84
CA THR D 166 -3.58 1.43 36.13
C THR D 166 -4.49 2.12 37.15
N TRP D 167 -4.51 3.45 37.15
CA TRP D 167 -5.41 4.16 38.06
C TRP D 167 -6.87 3.88 37.71
N LEU D 168 -7.19 3.84 36.42
CA LEU D 168 -8.55 3.50 36.02
C LEU D 168 -8.91 2.07 36.41
N THR D 169 -7.94 1.16 36.32
CA THR D 169 -8.20 -0.23 36.68
C THR D 169 -8.42 -0.38 38.18
N SER D 170 -7.63 0.34 38.99
CA SER D 170 -7.70 0.18 40.44
C SER D 170 -9.02 0.70 41.01
N ASN D 171 -9.58 1.75 40.41
CA ASN D 171 -10.78 2.39 40.95
C ASN D 171 -12.07 1.83 40.37
N TYR D 172 -12.01 0.81 39.52
CA TYR D 172 -13.21 0.23 38.92
C TYR D 172 -13.54 -1.08 39.62
N LYS D 173 -14.67 -1.10 40.32
CA LYS D 173 -15.15 -2.30 40.97
C LYS D 173 -16.67 -2.39 40.86
MG MG E . 9.88 -5.79 -18.89
PG GTP F . 12.27 -0.93 -20.16
O1G GTP F . 12.08 -2.06 -19.17
O2G GTP F . 12.69 0.32 -19.42
O3G GTP F . 13.34 -1.30 -21.15
O3B GTP F . 10.88 -0.67 -20.93
PB GTP F . 10.12 -1.89 -21.67
O1B GTP F . 10.90 -2.32 -22.88
O2B GTP F . 9.95 -3.05 -20.72
O3A GTP F . 8.66 -1.34 -22.11
PA GTP F . 7.74 -0.44 -21.14
O1A GTP F . 8.40 -0.27 -19.78
O2A GTP F . 6.38 -1.07 -20.99
O5' GTP F . 7.61 1.02 -21.84
C5' GTP F . 6.51 1.85 -21.50
C4' GTP F . 5.91 2.60 -22.68
O4' GTP F . 5.46 1.72 -23.69
C3' GTP F . 4.70 3.42 -22.22
O3' GTP F . 4.95 4.79 -22.43
C2' GTP F . 3.55 2.97 -23.11
O2' GTP F . 2.85 4.08 -23.60
C1' GTP F . 4.23 2.19 -24.23
N9 GTP F . 3.40 1.05 -24.65
C8 GTP F . 3.59 -0.25 -24.28
N7 GTP F . 2.65 -1.02 -24.87
C5 GTP F . 1.86 -0.22 -25.62
C6 GTP F . 0.77 -0.49 -26.43
O6 GTP F . 0.36 -1.65 -26.54
N1 GTP F . 0.14 0.53 -27.09
C2 GTP F . 0.60 1.83 -26.96
N2 GTP F . 0.00 2.82 -27.61
N3 GTP F . 1.70 2.09 -26.16
C4 GTP F . 2.33 1.08 -25.50
MG MG G . 19.52 6.49 11.92
PG GTP H . 17.91 3.13 13.03
O1G GTP H . 17.19 1.82 13.15
O2G GTP H . 17.71 3.91 14.31
O3G GTP H . 19.39 2.88 12.85
O3B GTP H . 17.34 3.96 11.77
PB GTP H . 16.94 3.25 10.38
O1B GTP H . 18.18 3.02 9.55
O2B GTP H . 16.22 1.93 10.62
O3A GTP H . 15.93 4.26 9.62
PA GTP H . 14.89 5.23 10.37
O1A GTP H . 14.86 4.95 11.85
O2A GTP H . 13.52 5.02 9.79
O5' GTP H . 15.40 6.73 10.11
C5' GTP H . 14.50 7.80 10.32
C4' GTP H . 14.51 8.86 9.20
O4' GTP H . 14.21 8.29 7.95
C3' GTP H . 13.46 9.92 9.46
O3' GTP H . 14.08 11.17 9.66
C2' GTP H . 12.60 9.96 8.21
O2' GTP H . 12.39 11.29 7.79
C1' GTP H . 13.42 9.19 7.19
N9 GTP H . 12.53 8.44 6.28
C8 GTP H . 12.26 7.11 6.35
N7 GTP H . 11.42 6.79 5.34
C5 GTP H . 11.16 7.89 4.61
C6 GTP H . 10.39 8.12 3.49
O6 GTP H . 9.76 7.19 2.98
N1 GTP H . 10.31 9.38 2.96
C2 GTP H . 11.01 10.42 3.53
N2 GTP H . 10.94 11.64 3.01
N3 GTP H . 11.78 10.18 4.65
C4 GTP H . 11.86 8.94 5.19
MG MG I . -16.78 5.98 -15.87
PG GTP J . -16.94 2.73 -13.70
O1G GTP J . -16.54 1.30 -13.47
O2G GTP J . -17.46 2.90 -15.10
O3G GTP J . -18.02 3.12 -12.72
O3B GTP J . -15.65 3.68 -13.47
PB GTP J . -14.90 3.69 -12.04
O1B GTP J . -15.79 4.40 -11.04
O2B GTP J . -14.64 2.28 -11.59
O3A GTP J . -13.50 4.48 -12.22
PA GTP J . -12.56 4.41 -13.52
O1A GTP J . -13.23 3.67 -14.65
O2A GTP J . -11.25 3.73 -13.17
O5' GTP J . -12.29 5.93 -13.99
C5' GTP J . -11.03 6.26 -14.54
C4' GTP J . -10.53 7.65 -14.17
O4' GTP J . -10.30 7.79 -12.78
C3' GTP J . -9.19 7.95 -14.86
O3' GTP J . -9.34 9.02 -15.75
C2' GTP J . -8.24 8.33 -13.75
O2' GTP J . -7.51 9.48 -14.09
C1' GTP J . -9.15 8.58 -12.55
N9 GTP J . -8.48 8.17 -11.31
C8 GTP J . -8.69 7.00 -10.62
N7 GTP J . -7.92 7.00 -9.52
C5 GTP J . -7.23 8.16 -9.48
C6 GTP J . -6.30 8.66 -8.56
O6 GTP J . -5.99 8.00 -7.57
N1 GTP J . -5.75 9.90 -8.77
C2 GTP J . -6.11 10.64 -9.88
N2 GTP J . -5.56 11.84 -10.08
N3 GTP J . -7.03 10.13 -10.78
C4 GTP J . -7.58 8.91 -10.58
MG MG K . -8.72 9.83 17.59
PG GTP L . -8.69 13.25 15.10
O1G GTP L . -8.67 11.93 15.84
O2G GTP L . -8.60 12.98 13.61
O3G GTP L . -9.99 13.96 15.38
O3B GTP L . -7.45 14.14 15.62
PB GTP L . -7.42 14.64 17.16
O1B GTP L . -8.23 15.91 17.28
O2B GTP L . -8.02 13.57 18.05
O3A GTP L . -5.89 14.89 17.61
PA GTP L . -4.55 14.36 16.87
O1A GTP L . -4.89 13.52 15.65
O2A GTP L . -3.73 13.55 17.84
O5' GTP L . -3.73 15.67 16.39
C5' GTP L . -2.39 15.52 15.97
C4' GTP L . -1.43 16.54 16.57
O4' GTP L . -1.26 16.36 17.96
C3' GTP L . -0.04 16.39 15.94
O3' GTP L . 0.33 17.57 15.29
C2' GTP L . 0.89 16.12 17.10
O2' GTP L . 2.07 16.90 16.97
C1' GTP L . 0.09 16.52 18.33
N9 GTP L . 0.40 15.64 19.47
C8 GTP L . -0.40 14.62 19.93
N7 GTP L . 0.21 14.04 20.99
C5 GTP L . 1.38 14.68 21.22
C6 GTP L . 2.37 14.49 22.17
O6 GTP L . 2.26 13.60 23.01
N1 GTP L . 3.48 15.30 22.17
C2 GTP L . 3.60 16.30 21.23
N2 GTP L . 4.68 17.08 21.23
N3 GTP L . 2.62 16.49 20.28
C4 GTP L . 1.52 15.69 20.27
#